data_7W5O
#
_entry.id   7W5O
#
_cell.length_a   82.812
_cell.length_b   82.812
_cell.length_c   274.440
_cell.angle_alpha   90.000
_cell.angle_beta   90.000
_cell.angle_gamma   90.000
#
_symmetry.space_group_name_H-M   'P 41 21 2'
#
loop_
_entity.id
_entity.type
_entity.pdbx_description
1 polymer 'Mitogen-activated protein kinase 1'
2 non-polymer (2R,3R,4S,5R)-2-(4-AMINO-5-IODO-7H-PYRROLO[2,3-D]PYRIMIDIN-7-YL)-5-(HYDROXYMETHYL)TETRAHYDROFURAN-3,4-DIOL
3 non-polymer 'MALONIC ACID'
4 non-polymer 'SUCCINIC ACID'
5 non-polymer 'SODIUM ION'
6 non-polymer '4-(2-HYDROXYETHYL)-1-PIPERAZINE ETHANESULFONIC ACID'
7 non-polymer 'D(-)-TARTARIC ACID'
8 non-polymer 13-[4-({Imidazo[1,2-a]pyridin-2-yl}methoxy)phenyl]-4,8-dioxa-12,14,16,18-tetraazatetracyclo[9.7.0.0^{3,9}.0^{12,17}]octadeca-1(11),2,9,15,17-pentaen-15-amine
9 water water
#
_entity_poly.entity_id   1
_entity_poly.type   'polypeptide(L)'
_entity_poly.pdbx_seq_one_letter_code
;GDLGSDELMAAAAAAGAGPEMVRGQVFDVGPRYTNLSYIGEGAYGMVCSAYDNVNKVRVAIKKISPFEHQTYCQRTLREI
KILLRFRHENIIGINDIIRAPTIEQMKDVYIVQDLMETDLYKLLKTQHLSND(NEP)ICYFLYQILRGLKYIHSANVLHR
DLKPSNLLLNTTCDLKICDFGLARVADPDHDHTGFLTEYVATRWYRAPEIMLNSKGYTKSIDIWSVGCILAEMLSNRPIF
PGKHYLDQLNHILGILGSPSQEDLNCIINLKARNYLLSLPHKNKVPWNRLFPNADSKALDLLDKMLTFNPHKRIEVEQAL
AHPYLEQYYDPSDEPIAEAPFKFDMELDDLPKEKLKELIFEETARFQPGYRS
;
_entity_poly.pdbx_strand_id   A,B
#
loop_
_chem_comp.id
_chem_comp.type
_chem_comp.name
_chem_comp.formula
5ID non-polymer (2R,3R,4S,5R)-2-(4-AMINO-5-IODO-7H-PYRROLO[2,3-D]PYRIMIDIN-7-YL)-5-(HYDROXYMETHYL)TETRAHYDROFURAN-3,4-DIOL 'C11 H13 I N4 O4'
6GI non-polymer 13-[4-({Imidazo[1,2-a]pyridin-2-yl}methoxy)phenyl]-4,8-dioxa-12,14,16,18-tetraazatetracyclo[9.7.0.0^{3,9}.0^{12,17}]octadeca-1(11),2,9,15,17-pentaen-15-amine 'C26 H23 N7 O3'
EPE non-polymer '4-(2-HYDROXYETHYL)-1-PIPERAZINE ETHANESULFONIC ACID' 'C8 H18 N2 O4 S'
MLA non-polymer 'MALONIC ACID' 'C3 H4 O4'
NA non-polymer 'SODIUM ION' 'Na 1'
SIN non-polymer 'SUCCINIC ACID' 'C4 H6 O4'
TAR non-polymer 'D(-)-TARTARIC ACID' 'C4 H6 O6'
#
# COMPACT_ATOMS: atom_id res chain seq x y z
N PRO A 19 -7.12 -36.07 -11.92
CA PRO A 19 -7.32 -36.53 -10.54
C PRO A 19 -7.79 -35.41 -9.60
N GLU A 20 -6.98 -35.14 -8.56
CA GLU A 20 -7.07 -33.90 -7.77
C GLU A 20 -8.26 -33.87 -6.83
N MET A 21 -8.14 -33.06 -5.76
CA MET A 21 -9.11 -33.07 -4.66
C MET A 21 -9.24 -31.72 -3.94
N VAL A 22 -8.51 -31.54 -2.84
CA VAL A 22 -8.54 -30.36 -1.96
C VAL A 22 -9.85 -30.28 -1.18
N ARG A 23 -9.74 -30.08 0.14
CA ARG A 23 -10.80 -30.29 1.13
C ARG A 23 -12.21 -30.12 0.57
N GLY A 24 -12.99 -31.21 0.60
CA GLY A 24 -14.34 -31.20 0.11
C GLY A 24 -14.42 -31.28 -1.40
N GLN A 25 -14.99 -30.24 -2.02
CA GLN A 25 -15.02 -30.16 -3.48
C GLN A 25 -13.65 -30.46 -4.08
N VAL A 26 -13.63 -31.36 -5.06
CA VAL A 26 -12.40 -31.78 -5.72
C VAL A 26 -12.26 -31.07 -7.07
N PHE A 27 -11.01 -30.78 -7.43
CA PHE A 27 -10.68 -29.92 -8.57
C PHE A 27 -10.27 -30.78 -9.77
N ASP A 28 -11.07 -30.75 -10.82
CA ASP A 28 -10.77 -31.55 -12.01
C ASP A 28 -9.63 -30.92 -12.81
N VAL A 29 -8.73 -30.22 -12.14
CA VAL A 29 -7.53 -29.72 -12.80
C VAL A 29 -6.55 -30.89 -12.86
N GLY A 30 -5.30 -30.62 -13.18
CA GLY A 30 -4.36 -31.70 -13.34
C GLY A 30 -4.74 -32.55 -14.53
N PRO A 31 -3.76 -33.23 -15.12
CA PRO A 31 -2.38 -33.31 -14.64
C PRO A 31 -1.52 -32.04 -14.80
N ARG A 32 -1.97 -31.03 -15.55
CA ARG A 32 -1.13 -29.84 -15.70
C ARG A 32 -0.95 -29.15 -14.36
N TYR A 33 -2.04 -28.96 -13.64
CA TYR A 33 -2.08 -28.13 -12.43
C TYR A 33 -2.15 -29.04 -11.21
N THR A 34 -1.24 -28.82 -10.26
CA THR A 34 -1.09 -29.68 -9.07
C THR A 34 -0.75 -28.78 -7.87
N ASN A 35 -0.29 -29.42 -6.79
CA ASN A 35 0.05 -28.72 -5.55
C ASN A 35 -1.05 -27.74 -5.15
N LEU A 36 -2.29 -28.21 -5.21
CA LEU A 36 -3.38 -27.31 -4.91
C LEU A 36 -3.36 -26.91 -3.44
N SER A 37 -4.07 -25.83 -3.14
CA SER A 37 -4.07 -25.22 -1.83
C SER A 37 -5.19 -24.20 -1.81
N TYR A 38 -6.26 -24.49 -1.08
CA TYR A 38 -7.44 -23.63 -1.11
C TYR A 38 -7.08 -22.19 -0.76
N ILE A 39 -7.58 -21.25 -1.57
CA ILE A 39 -7.30 -19.83 -1.36
C ILE A 39 -8.49 -19.18 -0.68
N GLY A 40 -9.65 -19.25 -1.33
CA GLY A 40 -10.84 -18.63 -0.80
C GLY A 40 -12.09 -19.09 -1.52
N GLU A 41 -13.11 -18.25 -1.52
CA GLU A 41 -14.40 -18.59 -2.11
C GLU A 41 -14.78 -17.53 -3.13
N GLY A 42 -15.49 -17.98 -4.18
CA GLY A 42 -16.21 -17.10 -5.06
C GLY A 42 -17.71 -17.12 -4.75
N ALA A 43 -18.46 -16.41 -5.59
CA ALA A 43 -19.91 -16.42 -5.48
C ALA A 43 -20.46 -17.83 -5.64
N TYR A 44 -20.25 -18.42 -6.81
CA TYR A 44 -20.76 -19.74 -7.16
C TYR A 44 -19.63 -20.68 -7.60
N GLY A 45 -18.46 -20.52 -6.99
CA GLY A 45 -17.34 -21.37 -7.30
C GLY A 45 -16.21 -21.16 -6.31
N MET A 46 -15.34 -22.16 -6.24
CA MET A 46 -14.22 -22.19 -5.32
C MET A 46 -13.00 -21.52 -5.96
N VAL A 47 -11.95 -21.31 -5.16
CA VAL A 47 -10.72 -20.69 -5.66
C VAL A 47 -9.52 -21.28 -4.94
N CYS A 48 -8.66 -21.96 -5.69
CA CYS A 48 -7.43 -22.55 -5.21
C CYS A 48 -6.24 -21.94 -5.93
N SER A 49 -5.05 -22.20 -5.39
CA SER A 49 -3.81 -21.98 -6.10
C SER A 49 -3.27 -23.34 -6.49
N ALA A 50 -2.78 -23.45 -7.72
CA ALA A 50 -2.15 -24.67 -8.21
C ALA A 50 -0.76 -24.34 -8.69
N TYR A 51 0.04 -25.39 -8.86
CA TYR A 51 1.31 -25.30 -9.56
C TYR A 51 1.10 -25.67 -11.02
N ASP A 52 1.36 -24.71 -11.92
CA ASP A 52 1.31 -24.93 -13.36
C ASP A 52 2.59 -25.65 -13.78
N ASN A 53 2.46 -26.89 -14.22
CA ASN A 53 3.67 -27.64 -14.55
C ASN A 53 4.21 -27.33 -15.94
N VAL A 54 3.51 -26.53 -16.74
CA VAL A 54 4.03 -26.02 -18.00
C VAL A 54 4.81 -24.74 -17.74
N ASN A 55 4.12 -23.70 -17.27
CA ASN A 55 4.80 -22.43 -17.02
C ASN A 55 5.66 -22.48 -15.76
N LYS A 56 5.63 -23.56 -15.02
CA LYS A 56 6.53 -23.75 -13.89
C LYS A 56 6.36 -22.64 -12.85
N VAL A 57 5.16 -22.08 -12.72
CA VAL A 57 4.85 -21.10 -11.69
C VAL A 57 3.52 -21.44 -11.04
N ARG A 58 3.29 -20.86 -9.88
CA ARG A 58 2.01 -21.04 -9.22
C ARG A 58 0.98 -20.10 -9.85
N VAL A 59 -0.23 -20.60 -10.01
CA VAL A 59 -1.30 -19.85 -10.65
C VAL A 59 -2.53 -19.97 -9.78
N ALA A 60 -3.56 -19.20 -10.13
CA ALA A 60 -4.85 -19.28 -9.46
C ALA A 60 -5.87 -19.89 -10.39
N ILE A 61 -6.67 -20.83 -9.88
CA ILE A 61 -7.72 -21.50 -10.65
C ILE A 61 -9.06 -21.26 -9.97
N LYS A 62 -10.00 -20.69 -10.72
CA LYS A 62 -11.36 -20.44 -10.24
C LYS A 62 -12.26 -21.57 -10.76
N LYS A 63 -12.78 -22.39 -9.85
CA LYS A 63 -13.76 -23.42 -10.19
C LYS A 63 -15.15 -22.80 -10.19
N ILE A 64 -15.84 -22.88 -11.33
CA ILE A 64 -17.09 -22.16 -11.52
C ILE A 64 -18.16 -23.14 -11.96
N SER A 65 -19.27 -23.15 -11.22
CA SER A 65 -20.45 -23.92 -11.58
C SER A 65 -21.63 -22.97 -11.51
N PRO A 66 -22.04 -22.40 -12.65
CA PRO A 66 -23.08 -21.36 -12.62
C PRO A 66 -24.38 -21.86 -13.21
N PHE A 67 -24.35 -23.07 -13.76
CA PHE A 67 -25.32 -23.46 -14.76
C PHE A 67 -26.74 -23.56 -14.22
N GLU A 68 -26.93 -23.38 -12.91
CA GLU A 68 -28.25 -23.59 -12.31
C GLU A 68 -29.13 -22.35 -12.43
N HIS A 69 -28.63 -21.16 -12.11
CA HIS A 69 -29.40 -19.96 -12.41
C HIS A 69 -28.86 -19.26 -13.64
N GLN A 70 -29.78 -18.84 -14.51
CA GLN A 70 -29.41 -18.19 -15.75
C GLN A 70 -28.61 -16.91 -15.52
N THR A 71 -28.83 -16.25 -14.39
CA THR A 71 -28.10 -15.03 -14.09
C THR A 71 -26.61 -15.30 -13.92
N TYR A 72 -26.27 -16.45 -13.33
CA TYR A 72 -24.87 -16.83 -13.17
C TYR A 72 -24.22 -17.13 -14.50
N CYS A 73 -24.97 -17.67 -15.44
CA CYS A 73 -24.42 -17.97 -16.76
C CYS A 73 -24.19 -16.69 -17.57
N GLN A 74 -24.99 -15.65 -17.34
CA GLN A 74 -24.70 -14.36 -17.93
C GLN A 74 -23.35 -13.84 -17.45
N ARG A 75 -23.19 -13.72 -16.13
CA ARG A 75 -21.97 -13.19 -15.54
C ARG A 75 -20.75 -13.97 -15.99
N THR A 76 -20.83 -15.31 -15.99
CA THR A 76 -19.71 -16.13 -16.38
C THR A 76 -19.35 -15.93 -17.85
N LEU A 77 -20.35 -15.86 -18.71
CA LEU A 77 -20.08 -15.69 -20.13
C LEU A 77 -19.54 -14.31 -20.42
N ARG A 78 -20.12 -13.28 -19.80
CA ARG A 78 -19.60 -11.92 -20.00
C ARG A 78 -18.13 -11.84 -19.61
N GLU A 79 -17.78 -12.36 -18.43
CA GLU A 79 -16.39 -12.29 -18.01
C GLU A 79 -15.47 -12.97 -19.01
N ILE A 80 -15.86 -14.13 -19.54
CA ILE A 80 -14.96 -14.83 -20.44
C ILE A 80 -14.82 -14.09 -21.77
N LYS A 81 -15.92 -13.62 -22.34
CA LYS A 81 -15.79 -12.95 -23.63
C LYS A 81 -14.95 -11.68 -23.49
N ILE A 82 -15.07 -10.99 -22.37
CA ILE A 82 -14.38 -9.71 -22.23
C ILE A 82 -12.92 -9.92 -21.88
N LEU A 83 -12.63 -10.76 -20.89
CA LEU A 83 -11.23 -11.00 -20.53
C LEU A 83 -10.47 -11.66 -21.66
N LEU A 84 -11.16 -12.45 -22.50
CA LEU A 84 -10.47 -13.12 -23.57
C LEU A 84 -10.03 -12.18 -24.68
N ARG A 85 -10.68 -11.00 -24.81
CA ARG A 85 -10.29 -10.01 -25.83
C ARG A 85 -9.48 -8.83 -25.27
N PHE A 86 -9.41 -8.66 -23.96
CA PHE A 86 -8.63 -7.60 -23.35
C PHE A 86 -7.19 -8.07 -23.16
N ARG A 87 -6.22 -7.19 -23.42
CA ARG A 87 -4.83 -7.44 -23.01
C ARG A 87 -4.28 -6.12 -22.48
N HIS A 88 -3.97 -6.09 -21.20
CA HIS A 88 -3.57 -4.86 -20.53
C HIS A 88 -2.98 -5.25 -19.20
N GLU A 89 -1.91 -4.56 -18.78
CA GLU A 89 -1.20 -5.01 -17.59
C GLU A 89 -1.94 -4.68 -16.30
N ASN A 90 -2.98 -3.85 -16.32
CA ASN A 90 -3.77 -3.62 -15.12
C ASN A 90 -5.13 -4.32 -15.18
N ILE A 91 -5.24 -5.35 -16.02
CA ILE A 91 -6.46 -6.15 -16.11
C ILE A 91 -6.07 -7.62 -16.08
N ILE A 92 -6.72 -8.39 -15.20
CA ILE A 92 -6.47 -9.82 -15.15
C ILE A 92 -6.78 -10.44 -16.51
N GLY A 93 -6.02 -11.46 -16.89
CA GLY A 93 -6.25 -12.19 -18.11
C GLY A 93 -6.65 -13.63 -17.80
N ILE A 94 -7.03 -14.37 -18.83
CA ILE A 94 -7.35 -15.79 -18.71
C ILE A 94 -6.23 -16.57 -19.38
N ASN A 95 -5.50 -17.36 -18.59
CA ASN A 95 -4.41 -18.16 -19.14
C ASN A 95 -4.91 -19.45 -19.77
N ASP A 96 -5.84 -20.12 -19.09
CA ASP A 96 -6.34 -21.41 -19.51
C ASP A 96 -7.75 -21.57 -19.01
N ILE A 97 -8.61 -22.07 -19.89
CA ILE A 97 -9.97 -22.49 -19.56
C ILE A 97 -10.05 -23.97 -19.90
N ILE A 98 -10.50 -24.75 -18.92
CA ILE A 98 -10.63 -26.18 -19.15
C ILE A 98 -11.96 -26.65 -18.59
N ARG A 99 -12.69 -27.39 -19.43
CA ARG A 99 -14.02 -27.91 -19.16
C ARG A 99 -14.08 -29.33 -19.68
N ALA A 100 -15.24 -29.98 -19.52
CA ALA A 100 -15.39 -31.34 -19.99
C ALA A 100 -15.48 -31.39 -21.52
N PRO A 101 -15.27 -32.57 -22.11
CA PRO A 101 -15.31 -32.70 -23.57
C PRO A 101 -16.68 -32.44 -24.16
N THR A 102 -17.72 -33.02 -23.56
CA THR A 102 -19.08 -32.92 -24.06
C THR A 102 -19.84 -31.85 -23.31
N ILE A 103 -20.63 -31.06 -24.05
CA ILE A 103 -21.48 -30.05 -23.41
C ILE A 103 -22.33 -30.72 -22.33
N GLU A 104 -22.86 -31.90 -22.63
CA GLU A 104 -23.66 -32.59 -21.64
C GLU A 104 -22.83 -32.91 -20.41
N GLN A 105 -21.58 -33.30 -20.60
CA GLN A 105 -20.72 -33.65 -19.49
C GLN A 105 -20.16 -32.42 -18.77
N MET A 106 -20.43 -31.20 -19.26
CA MET A 106 -19.88 -29.99 -18.66
C MET A 106 -20.85 -29.40 -17.65
N LYS A 107 -20.45 -29.37 -16.38
CA LYS A 107 -21.18 -28.62 -15.37
C LYS A 107 -20.26 -27.86 -14.43
N ASP A 108 -18.95 -27.99 -14.59
CA ASP A 108 -17.97 -27.09 -13.99
C ASP A 108 -17.12 -26.47 -15.08
N VAL A 109 -16.55 -25.32 -14.76
CA VAL A 109 -15.61 -24.67 -15.65
C VAL A 109 -14.49 -24.10 -14.80
N TYR A 110 -13.25 -24.32 -15.23
CA TYR A 110 -12.07 -23.85 -14.54
C TYR A 110 -11.41 -22.74 -15.35
N ILE A 111 -11.30 -21.56 -14.74
CA ILE A 111 -10.58 -20.44 -15.33
C ILE A 111 -9.22 -20.33 -14.63
N VAL A 112 -8.15 -20.41 -15.40
CA VAL A 112 -6.80 -20.28 -14.88
C VAL A 112 -6.33 -18.85 -15.11
N GLN A 113 -5.89 -18.19 -14.03
CA GLN A 113 -5.42 -16.82 -14.09
C GLN A 113 -4.16 -16.66 -13.23
N ASP A 114 -3.43 -15.58 -13.47
CA ASP A 114 -2.20 -15.34 -12.73
C ASP A 114 -2.48 -15.25 -11.23
N LEU A 115 -1.64 -15.90 -10.45
CA LEU A 115 -1.81 -15.87 -9.01
C LEU A 115 -1.41 -14.51 -8.48
N MET A 116 -2.32 -13.83 -7.79
CA MET A 116 -2.04 -12.55 -7.19
C MET A 116 -2.02 -12.72 -5.68
N GLU A 117 -1.25 -11.85 -5.00
CA GLU A 117 -0.98 -12.05 -3.58
C GLU A 117 -2.20 -11.72 -2.73
N THR A 118 -2.92 -10.65 -3.08
CA THR A 118 -4.03 -10.19 -2.23
C THR A 118 -4.92 -9.28 -3.09
N ASP A 119 -5.79 -8.51 -2.42
CA ASP A 119 -6.60 -7.52 -3.12
C ASP A 119 -6.72 -6.30 -2.24
N LEU A 120 -7.13 -5.18 -2.86
CA LEU A 120 -7.18 -3.93 -2.10
C LEU A 120 -8.09 -4.04 -0.89
N TYR A 121 -9.12 -4.87 -0.95
CA TYR A 121 -9.98 -5.02 0.22
C TYR A 121 -9.23 -5.68 1.37
N LYS A 122 -8.63 -6.84 1.09
CA LYS A 122 -7.88 -7.56 2.13
C LYS A 122 -6.79 -6.68 2.72
N LEU A 123 -6.13 -5.84 1.89
CA LEU A 123 -5.02 -5.03 2.38
C LEU A 123 -5.50 -3.87 3.23
N LEU A 124 -6.63 -3.27 2.85
CA LEU A 124 -7.16 -2.15 3.64
C LEU A 124 -7.64 -2.62 5.00
N LYS A 125 -7.86 -3.92 5.18
CA LYS A 125 -8.14 -4.45 6.51
C LYS A 125 -6.89 -4.49 7.40
N THR A 126 -5.69 -4.39 6.84
CA THR A 126 -4.49 -4.53 7.65
C THR A 126 -3.48 -3.40 7.51
N GLN A 127 -3.78 -2.33 6.77
CA GLN A 127 -2.73 -1.33 6.54
C GLN A 127 -3.34 0.00 6.12
N HIS A 128 -2.93 1.08 6.77
CA HIS A 128 -3.16 2.39 6.21
C HIS A 128 -2.12 2.64 5.13
N LEU A 129 -2.52 3.31 4.07
CA LEU A 129 -1.65 3.48 2.90
C LEU A 129 -1.07 4.89 2.90
N SER A 130 0.24 4.97 2.69
CA SER A 130 0.86 6.27 2.55
C SER A 130 0.23 7.00 1.38
N ASN A 131 0.31 8.33 1.43
CA ASN A 131 -0.14 9.10 0.29
C ASN A 131 0.45 8.55 -1.00
N ASP A 132 1.72 8.20 -0.99
CA ASP A 132 2.39 7.82 -2.22
C ASP A 132 1.78 6.55 -2.83
N NEP A 133 1.61 5.54 -1.99
CA NEP A 133 1.18 4.25 -2.46
C NEP A 133 -0.25 4.34 -3.01
O NEP A 133 -0.63 3.75 -4.00
CB NEP A 133 1.19 3.19 -1.37
CG NEP A 133 2.55 2.80 -0.97
ND1 NEP A 133 2.81 1.88 0.06
CD2 NEP A 133 3.77 3.20 -1.54
CE1 NEP A 133 4.11 1.73 0.13
NE2 NEP A 133 4.78 2.50 -0.83
P NEP A 133 6.34 2.67 -1.06
O1P NEP A 133 6.73 3.53 -2.35
O2P NEP A 133 7.14 1.47 -1.15
O3P NEP A 133 6.70 3.82 -0.04
N ILE A 134 -1.06 5.13 -2.32
CA ILE A 134 -2.39 5.46 -2.78
C ILE A 134 -2.34 6.06 -4.19
N CYS A 135 -1.38 6.98 -4.36
CA CYS A 135 -1.26 7.72 -5.61
C CYS A 135 -1.05 6.77 -6.78
N TYR A 136 -0.08 5.87 -6.67
CA TYR A 136 0.20 4.98 -7.78
C TYR A 136 -0.76 3.81 -7.84
N PHE A 137 -1.44 3.48 -6.75
CA PHE A 137 -2.58 2.57 -6.84
C PHE A 137 -3.73 3.18 -7.66
N LEU A 138 -4.10 4.42 -7.36
CA LEU A 138 -5.10 5.10 -8.15
C LEU A 138 -4.69 5.23 -9.62
N TYR A 139 -3.43 5.59 -9.88
CA TYR A 139 -2.97 5.68 -11.26
C TYR A 139 -3.16 4.37 -12.00
N GLN A 140 -2.86 3.26 -11.35
CA GLN A 140 -2.99 1.99 -12.01
C GLN A 140 -4.45 1.63 -12.23
N ILE A 141 -5.33 2.04 -11.30
CA ILE A 141 -6.74 1.82 -11.50
C ILE A 141 -7.21 2.53 -12.74
N LEU A 142 -6.91 3.84 -12.82
CA LEU A 142 -7.39 4.67 -13.94
C LEU A 142 -6.73 4.29 -15.25
N ARG A 143 -5.49 3.81 -15.20
CA ARG A 143 -4.84 3.39 -16.43
C ARG A 143 -5.55 2.19 -17.02
N GLY A 144 -5.83 1.17 -16.20
CA GLY A 144 -6.69 0.09 -16.64
C GLY A 144 -8.09 0.55 -17.03
N LEU A 145 -8.66 1.47 -16.25
CA LEU A 145 -9.98 1.98 -16.61
C LEU A 145 -9.93 2.66 -17.98
N LYS A 146 -8.83 3.37 -18.26
CA LYS A 146 -8.73 4.03 -19.56
C LYS A 146 -8.85 3.02 -20.69
N TYR A 147 -8.22 1.86 -20.53
CA TYR A 147 -8.31 0.83 -21.55
C TYR A 147 -9.72 0.25 -21.65
N ILE A 148 -10.40 0.07 -20.51
CA ILE A 148 -11.75 -0.50 -20.56
C ILE A 148 -12.68 0.45 -21.29
N HIS A 149 -12.68 1.71 -20.90
CA HIS A 149 -13.57 2.68 -21.53
C HIS A 149 -13.29 2.85 -23.02
N SER A 150 -12.00 2.79 -23.43
CA SER A 150 -11.68 2.95 -24.85
C SER A 150 -12.20 1.79 -25.68
N ALA A 151 -12.42 0.65 -25.07
CA ALA A 151 -13.10 -0.46 -25.69
C ALA A 151 -14.62 -0.28 -25.70
N ASN A 152 -15.14 0.88 -25.30
CA ASN A 152 -16.59 1.11 -25.19
C ASN A 152 -17.20 0.14 -24.17
N VAL A 153 -16.50 -0.10 -23.06
CA VAL A 153 -16.94 -1.05 -22.06
C VAL A 153 -17.01 -0.39 -20.69
N LEU A 154 -17.96 -0.88 -19.88
CA LEU A 154 -18.21 -0.43 -18.51
C LEU A 154 -17.96 -1.61 -17.58
N HIS A 155 -17.07 -1.44 -16.59
CA HIS A 155 -16.90 -2.51 -15.62
C HIS A 155 -18.17 -2.73 -14.82
N ARG A 156 -18.65 -1.68 -14.16
CA ARG A 156 -19.91 -1.62 -13.42
C ARG A 156 -19.82 -2.21 -12.01
N ASP A 157 -18.70 -2.84 -11.60
CA ASP A 157 -18.62 -3.40 -10.26
C ASP A 157 -17.23 -3.17 -9.67
N LEU A 158 -16.72 -1.95 -9.86
CA LEU A 158 -15.42 -1.61 -9.32
C LEU A 158 -15.51 -1.41 -7.81
N LYS A 159 -14.68 -2.15 -7.08
CA LYS A 159 -14.62 -2.04 -5.63
C LYS A 159 -13.31 -2.66 -5.16
N PRO A 160 -12.90 -2.40 -3.91
CA PRO A 160 -11.56 -2.86 -3.49
C PRO A 160 -11.31 -4.35 -3.72
N SER A 161 -12.26 -5.22 -3.36
CA SER A 161 -12.02 -6.66 -3.54
C SER A 161 -11.95 -7.10 -4.99
N ASN A 162 -12.28 -6.23 -5.96
CA ASN A 162 -12.04 -6.53 -7.36
C ASN A 162 -10.75 -5.89 -7.87
N LEU A 163 -9.88 -5.41 -6.97
CA LEU A 163 -8.57 -4.89 -7.31
C LEU A 163 -7.55 -5.85 -6.72
N LEU A 164 -7.00 -6.73 -7.54
CA LEU A 164 -6.02 -7.69 -7.10
C LEU A 164 -4.64 -7.02 -7.01
N LEU A 165 -3.83 -7.43 -6.03
CA LEU A 165 -2.54 -6.79 -5.76
C LEU A 165 -1.46 -7.85 -5.60
N ASN A 166 -0.33 -7.64 -6.27
CA ASN A 166 0.91 -8.34 -5.98
C ASN A 166 1.90 -7.47 -5.22
N THR A 167 2.11 -6.25 -5.69
CA THR A 167 2.99 -5.28 -5.03
C THR A 167 2.33 -3.92 -5.11
N THR A 168 3.01 -2.91 -4.55
CA THR A 168 2.55 -1.55 -4.79
C THR A 168 2.59 -1.17 -6.26
N CYS A 169 3.25 -1.95 -7.13
CA CYS A 169 3.36 -1.59 -8.53
C CYS A 169 2.69 -2.62 -9.45
N ASP A 170 1.83 -3.48 -8.90
CA ASP A 170 1.19 -4.53 -9.67
C ASP A 170 -0.27 -4.66 -9.21
N LEU A 171 -1.15 -3.93 -9.88
CA LEU A 171 -2.58 -3.94 -9.64
C LEU A 171 -3.29 -4.40 -10.90
N LYS A 172 -4.29 -5.26 -10.74
CA LYS A 172 -5.08 -5.77 -11.85
C LYS A 172 -6.55 -5.73 -11.49
N ILE A 173 -7.34 -5.02 -12.30
CA ILE A 173 -8.80 -5.11 -12.21
C ILE A 173 -9.26 -6.50 -12.61
N CYS A 174 -10.18 -7.06 -11.83
CA CYS A 174 -10.79 -8.35 -12.10
C CYS A 174 -12.31 -8.26 -11.91
N ASP A 175 -12.97 -9.42 -12.11
CA ASP A 175 -14.42 -9.64 -12.04
C ASP A 175 -15.22 -8.75 -12.99
N PHE A 176 -15.33 -9.17 -14.25
CA PHE A 176 -16.13 -8.45 -15.25
C PHE A 176 -17.53 -9.04 -15.42
N GLY A 177 -18.05 -9.70 -14.37
CA GLY A 177 -19.36 -10.34 -14.43
C GLY A 177 -20.55 -9.43 -14.70
N LEU A 178 -20.43 -8.15 -14.37
CA LEU A 178 -21.50 -7.18 -14.56
C LEU A 178 -21.24 -6.21 -15.69
N ALA A 179 -20.18 -6.42 -16.47
CA ALA A 179 -19.82 -5.42 -17.46
C ALA A 179 -20.84 -5.36 -18.59
N ARG A 180 -20.88 -4.20 -19.25
CA ARG A 180 -21.73 -3.97 -20.40
C ARG A 180 -20.98 -3.14 -21.41
N VAL A 181 -21.33 -3.32 -22.68
CA VAL A 181 -20.95 -2.36 -23.70
C VAL A 181 -21.69 -1.06 -23.42
N ALA A 182 -20.99 0.06 -23.59
CA ALA A 182 -21.53 1.36 -23.22
C ALA A 182 -22.64 1.76 -24.18
N ASP A 183 -23.76 2.21 -23.63
CA ASP A 183 -24.93 2.53 -24.44
C ASP A 183 -25.69 3.65 -23.75
N PRO A 184 -25.20 4.90 -23.87
CA PRO A 184 -25.90 6.01 -23.22
C PRO A 184 -27.38 6.01 -23.59
N ASP A 185 -27.67 5.39 -24.74
CA ASP A 185 -29.03 5.30 -25.28
C ASP A 185 -29.82 4.09 -24.77
N HIS A 186 -29.16 2.98 -24.44
CA HIS A 186 -29.78 1.75 -23.95
C HIS A 186 -30.36 1.89 -22.54
N ASP A 187 -30.35 3.09 -21.96
CA ASP A 187 -31.07 3.30 -20.71
C ASP A 187 -32.47 2.68 -20.79
N HIS A 188 -32.79 1.84 -19.81
CA HIS A 188 -34.01 1.03 -19.84
C HIS A 188 -35.03 1.41 -18.77
N THR A 189 -34.60 2.08 -17.70
CA THR A 189 -35.46 2.43 -16.58
C THR A 189 -36.15 1.18 -16.02
N GLY A 190 -35.37 0.14 -15.81
CA GLY A 190 -35.81 -1.01 -15.05
C GLY A 190 -35.08 -1.08 -13.73
N PHE A 191 -35.67 -0.51 -12.67
CA PHE A 191 -34.95 -0.39 -11.42
C PHE A 191 -34.55 -1.76 -10.88
N LEU A 192 -35.52 -2.63 -10.67
CA LEU A 192 -35.20 -3.98 -10.23
C LEU A 192 -34.84 -4.91 -11.38
N THR A 193 -34.62 -4.36 -12.58
CA THR A 193 -34.33 -5.19 -13.74
C THR A 193 -32.86 -5.57 -13.86
N GLU A 194 -31.98 -5.03 -13.00
CA GLU A 194 -30.56 -5.29 -13.17
C GLU A 194 -29.83 -5.03 -11.85
N TYR A 195 -28.76 -5.81 -11.63
CA TYR A 195 -27.84 -5.61 -10.52
C TYR A 195 -26.64 -4.81 -11.03
N VAL A 196 -26.55 -3.54 -10.64
CA VAL A 196 -25.52 -2.65 -11.17
C VAL A 196 -24.73 -2.04 -10.02
N ALA A 197 -23.50 -2.54 -9.82
CA ALA A 197 -22.57 -2.06 -8.79
C ALA A 197 -22.96 -2.62 -7.42
N THR A 198 -21.97 -3.02 -6.62
CA THR A 198 -22.22 -3.22 -5.19
C THR A 198 -22.64 -1.90 -4.57
N ARG A 199 -23.63 -1.96 -3.66
CA ARG A 199 -24.34 -0.78 -3.20
C ARG A 199 -23.40 0.37 -2.79
N TRP A 200 -22.34 0.08 -2.03
CA TRP A 200 -21.55 1.19 -1.50
C TRP A 200 -20.80 1.96 -2.58
N TYR A 201 -20.58 1.35 -3.75
CA TYR A 201 -19.83 1.95 -4.84
C TYR A 201 -20.72 2.34 -6.02
N ARG A 202 -22.04 2.48 -5.77
CA ARG A 202 -23.04 2.69 -6.82
C ARG A 202 -23.32 4.18 -6.99
N ALA A 203 -23.10 4.69 -8.20
CA ALA A 203 -23.32 6.11 -8.47
C ALA A 203 -24.79 6.49 -8.27
N PRO A 204 -25.08 7.77 -8.04
CA PRO A 204 -26.47 8.16 -7.78
C PRO A 204 -27.39 7.97 -8.99
N GLU A 205 -26.91 8.24 -10.20
CA GLU A 205 -27.80 8.14 -11.35
C GLU A 205 -28.25 6.71 -11.58
N ILE A 206 -27.48 5.73 -11.11
CA ILE A 206 -27.98 4.36 -11.12
C ILE A 206 -29.23 4.26 -10.25
N MET A 207 -29.17 4.78 -9.04
CA MET A 207 -30.24 4.57 -8.08
C MET A 207 -31.44 5.46 -8.37
N LEU A 208 -31.21 6.60 -9.02
CA LEU A 208 -32.24 7.57 -9.35
C LEU A 208 -32.88 7.28 -10.71
N ASN A 209 -32.07 7.08 -11.76
CA ASN A 209 -32.62 6.89 -13.10
C ASN A 209 -32.58 5.47 -13.64
N SER A 210 -31.82 4.57 -13.03
CA SER A 210 -31.52 3.29 -13.67
C SER A 210 -30.65 3.51 -14.90
N LYS A 211 -29.84 4.57 -14.87
CA LYS A 211 -28.96 4.93 -15.98
C LYS A 211 -27.58 4.28 -15.82
N GLY A 212 -27.60 2.94 -15.86
CA GLY A 212 -26.38 2.17 -15.71
C GLY A 212 -25.61 1.84 -16.97
N TYR A 213 -25.66 2.69 -18.00
CA TYR A 213 -24.96 2.39 -19.24
C TYR A 213 -24.09 3.54 -19.73
N THR A 214 -23.57 4.36 -18.82
CA THR A 214 -22.65 5.44 -19.16
C THR A 214 -21.35 5.28 -18.37
N LYS A 215 -20.24 5.70 -18.99
CA LYS A 215 -18.93 5.59 -18.35
C LYS A 215 -18.86 6.35 -17.02
N SER A 216 -19.70 7.37 -16.84
CA SER A 216 -19.72 8.08 -15.58
C SER A 216 -19.81 7.16 -14.36
N ILE A 217 -20.52 6.01 -14.46
CA ILE A 217 -20.74 5.21 -13.26
C ILE A 217 -19.42 4.62 -12.76
N ASP A 218 -18.53 4.23 -13.67
CA ASP A 218 -17.24 3.72 -13.20
C ASP A 218 -16.41 4.78 -12.47
N ILE A 219 -16.49 6.04 -12.90
CA ILE A 219 -15.71 7.09 -12.26
C ILE A 219 -16.16 7.32 -10.83
N TRP A 220 -17.49 7.29 -10.58
CA TRP A 220 -18.01 7.31 -9.23
C TRP A 220 -17.40 6.20 -8.36
N SER A 221 -17.44 4.97 -8.85
CA SER A 221 -16.90 3.84 -8.12
C SER A 221 -15.44 4.09 -7.71
N VAL A 222 -14.61 4.51 -8.68
CA VAL A 222 -13.22 4.83 -8.39
C VAL A 222 -13.12 5.90 -7.31
N GLY A 223 -13.99 6.93 -7.40
CA GLY A 223 -14.05 7.92 -6.35
C GLY A 223 -14.21 7.30 -4.99
N CYS A 224 -15.19 6.39 -4.86
CA CYS A 224 -15.41 5.71 -3.59
C CYS A 224 -14.17 4.93 -3.14
N ILE A 225 -13.47 4.30 -4.09
CA ILE A 225 -12.25 3.57 -3.77
C ILE A 225 -11.16 4.52 -3.28
N LEU A 226 -11.00 5.66 -3.97
CA LEU A 226 -10.04 6.65 -3.51
C LEU A 226 -10.35 7.09 -2.09
N ALA A 227 -11.63 7.32 -1.76
CA ALA A 227 -11.96 7.75 -0.40
C ALA A 227 -11.64 6.64 0.59
N GLU A 228 -11.86 5.40 0.21
CA GLU A 228 -11.62 4.30 1.13
C GLU A 228 -10.13 4.15 1.42
N MET A 229 -9.29 4.37 0.41
CA MET A 229 -7.84 4.33 0.60
C MET A 229 -7.37 5.42 1.57
N LEU A 230 -8.01 6.58 1.51
CA LEU A 230 -7.63 7.70 2.35
C LEU A 230 -8.00 7.49 3.82
N SER A 231 -8.94 6.63 4.13
CA SER A 231 -9.30 6.46 5.53
C SER A 231 -9.46 5.02 5.97
N ASN A 232 -9.31 4.04 5.09
CA ASN A 232 -9.54 2.63 5.39
C ASN A 232 -11.00 2.29 5.68
N ARG A 233 -11.94 3.22 5.56
CA ARG A 233 -13.32 2.81 5.69
C ARG A 233 -14.13 3.33 4.50
N PRO A 234 -15.16 2.60 4.08
CA PRO A 234 -15.93 3.03 2.90
C PRO A 234 -16.64 4.34 3.19
N ILE A 235 -16.68 5.21 2.18
CA ILE A 235 -17.16 6.57 2.45
C ILE A 235 -18.68 6.66 2.53
N PHE A 236 -19.42 5.77 1.85
CA PHE A 236 -20.88 5.78 1.86
C PHE A 236 -21.40 4.39 2.18
N PRO A 237 -21.52 4.04 3.47
CA PRO A 237 -21.88 2.66 3.81
C PRO A 237 -23.35 2.44 4.14
N GLY A 238 -24.24 2.59 3.13
CA GLY A 238 -25.68 2.44 3.37
C GLY A 238 -26.18 1.01 3.49
N LYS A 239 -27.18 0.84 4.37
CA LYS A 239 -27.82 -0.48 4.56
C LYS A 239 -28.59 -0.90 3.32
N HIS A 240 -29.25 0.04 2.65
CA HIS A 240 -30.12 -0.23 1.50
C HIS A 240 -30.15 1.04 0.66
N TYR A 241 -30.79 0.98 -0.51
CA TYR A 241 -30.47 1.97 -1.53
C TYR A 241 -30.86 3.37 -1.09
N LEU A 242 -31.95 3.49 -0.34
CA LEU A 242 -32.31 4.83 0.12
C LEU A 242 -31.35 5.30 1.19
N ASP A 243 -30.94 4.40 2.08
CA ASP A 243 -29.95 4.76 3.09
C ASP A 243 -28.63 5.12 2.44
N GLN A 244 -28.35 4.55 1.27
CA GLN A 244 -27.15 4.91 0.53
C GLN A 244 -27.22 6.36 0.11
N LEU A 245 -28.41 6.83 -0.28
CA LEU A 245 -28.56 8.21 -0.69
C LEU A 245 -28.37 9.16 0.48
N ASN A 246 -28.96 8.85 1.63
CA ASN A 246 -28.76 9.72 2.78
C ASN A 246 -27.26 9.89 3.06
N HIS A 247 -26.50 8.81 3.00
CA HIS A 247 -25.06 8.91 3.21
C HIS A 247 -24.39 9.82 2.18
N ILE A 248 -24.78 9.69 0.91
CA ILE A 248 -24.18 10.53 -0.11
C ILE A 248 -24.47 12.00 0.20
N LEU A 249 -25.76 12.32 0.38
CA LEU A 249 -26.16 13.71 0.60
C LEU A 249 -25.61 14.26 1.92
N GLY A 250 -25.43 13.41 2.92
CA GLY A 250 -24.85 13.85 4.18
C GLY A 250 -23.44 14.40 4.05
N ILE A 251 -22.75 14.09 2.97
CA ILE A 251 -21.38 14.54 2.73
C ILE A 251 -21.34 15.55 1.59
N LEU A 252 -21.91 15.19 0.44
CA LEU A 252 -22.06 16.11 -0.68
C LEU A 252 -22.99 17.27 -0.36
N GLY A 253 -24.06 17.00 0.41
CA GLY A 253 -25.04 18.03 0.69
C GLY A 253 -26.27 17.91 -0.21
N SER A 254 -27.34 18.58 0.21
CA SER A 254 -28.57 18.55 -0.56
C SER A 254 -28.29 18.98 -2.00
N PRO A 255 -28.79 18.26 -2.99
CA PRO A 255 -28.45 18.58 -4.37
C PRO A 255 -29.09 19.88 -4.83
N SER A 256 -28.52 20.43 -5.89
CA SER A 256 -29.05 21.65 -6.49
C SER A 256 -30.32 21.34 -7.28
N GLN A 257 -31.03 22.42 -7.64
CA GLN A 257 -32.13 22.28 -8.58
C GLN A 257 -31.69 21.56 -9.84
N GLU A 258 -30.59 22.02 -10.44
CA GLU A 258 -30.13 21.44 -11.70
C GLU A 258 -29.83 19.95 -11.56
N ASP A 259 -29.32 19.53 -10.40
CA ASP A 259 -29.00 18.13 -10.22
C ASP A 259 -30.25 17.28 -9.97
N LEU A 260 -31.34 17.91 -9.54
CA LEU A 260 -32.63 17.25 -9.46
C LEU A 260 -33.36 17.25 -10.80
N ASN A 261 -32.77 17.82 -11.85
CA ASN A 261 -33.38 17.80 -13.17
C ASN A 261 -33.02 16.56 -13.95
N CYS A 262 -31.80 16.04 -13.78
CA CYS A 262 -31.48 14.72 -14.31
C CYS A 262 -32.04 13.58 -13.43
N ILE A 263 -33.09 13.81 -12.65
CA ILE A 263 -33.75 12.77 -11.86
C ILE A 263 -35.02 12.40 -12.62
N ILE A 264 -34.88 11.48 -13.57
CA ILE A 264 -36.00 11.10 -14.42
C ILE A 264 -37.08 10.39 -13.61
N ASN A 265 -36.68 9.46 -12.75
CA ASN A 265 -37.62 8.81 -11.84
C ASN A 265 -38.45 9.88 -11.13
N LEU A 266 -39.45 10.42 -11.84
CA LEU A 266 -40.29 11.48 -11.26
C LEU A 266 -40.76 11.12 -9.84
N LYS A 267 -40.78 9.84 -9.50
CA LYS A 267 -41.01 9.42 -8.12
C LYS A 267 -39.80 9.65 -7.24
N ALA A 268 -38.61 9.81 -7.83
CA ALA A 268 -37.38 9.94 -7.06
C ALA A 268 -37.26 11.31 -6.40
N ARG A 269 -37.44 12.36 -7.18
CA ARG A 269 -37.60 13.69 -6.60
C ARG A 269 -38.77 13.65 -5.62
N ASN A 270 -38.46 13.47 -4.33
CA ASN A 270 -39.49 13.46 -3.30
C ASN A 270 -38.85 13.02 -2.00
N TYR A 271 -38.45 11.75 -1.91
CA TYR A 271 -37.58 11.36 -0.81
C TYR A 271 -36.40 12.32 -0.74
N LEU A 272 -36.05 12.92 -1.86
CA LEU A 272 -35.12 14.04 -1.83
C LEU A 272 -35.79 15.29 -1.29
N LEU A 273 -36.85 15.76 -1.94
CA LEU A 273 -37.43 17.04 -1.56
C LEU A 273 -37.97 17.02 -0.15
N SER A 274 -38.35 15.84 0.34
CA SER A 274 -38.84 15.70 1.70
C SER A 274 -37.72 15.49 2.72
N LEU A 275 -36.48 15.83 2.37
CA LEU A 275 -35.18 15.80 3.04
C LEU A 275 -34.86 17.15 3.68
N PRO A 276 -34.25 17.14 4.87
CA PRO A 276 -33.80 18.39 5.49
C PRO A 276 -32.46 18.84 4.91
N HIS A 277 -32.45 19.99 4.24
CA HIS A 277 -31.25 20.52 3.61
C HIS A 277 -30.00 20.23 4.43
N LYS A 278 -29.01 19.62 3.79
CA LYS A 278 -27.71 19.32 4.42
C LYS A 278 -26.61 20.10 3.71
N ASN A 279 -25.74 20.71 4.51
CA ASN A 279 -24.58 21.43 3.98
C ASN A 279 -23.52 20.47 3.46
N LYS A 280 -22.73 20.95 2.49
CA LYS A 280 -21.64 20.15 1.94
C LYS A 280 -20.51 20.03 2.96
N VAL A 281 -20.14 18.80 3.29
CA VAL A 281 -19.06 18.55 4.22
C VAL A 281 -17.74 18.80 3.50
N PRO A 282 -16.96 19.80 3.92
CA PRO A 282 -15.68 20.04 3.26
C PRO A 282 -14.79 18.82 3.34
N TRP A 283 -14.13 18.52 2.23
CA TRP A 283 -13.37 17.29 2.14
C TRP A 283 -12.24 17.28 3.15
N ASN A 284 -11.46 18.36 3.23
CA ASN A 284 -10.40 18.42 4.22
C ASN A 284 -10.90 18.22 5.64
N ARG A 285 -12.22 18.34 5.87
CA ARG A 285 -12.76 18.00 7.17
C ARG A 285 -12.98 16.50 7.30
N LEU A 286 -13.46 15.86 6.24
CA LEU A 286 -13.59 14.41 6.26
C LEU A 286 -12.22 13.73 6.27
N PHE A 287 -11.27 14.25 5.49
CA PHE A 287 -9.95 13.64 5.31
C PHE A 287 -8.87 14.69 5.53
N PRO A 288 -8.57 15.02 6.80
CA PRO A 288 -7.65 16.13 7.07
C PRO A 288 -6.17 15.81 6.83
N ASN A 289 -5.80 14.55 6.73
CA ASN A 289 -4.41 14.19 6.50
C ASN A 289 -4.09 13.90 5.03
N ALA A 290 -5.00 14.21 4.11
CA ALA A 290 -4.85 13.79 2.73
C ALA A 290 -4.28 14.91 1.89
N ASP A 291 -3.50 14.55 0.88
CA ASP A 291 -3.01 15.53 -0.08
C ASP A 291 -4.16 16.35 -0.65
N SER A 292 -4.02 17.68 -0.59
CA SER A 292 -5.06 18.53 -1.16
C SER A 292 -5.32 18.21 -2.63
N LYS A 293 -4.35 17.62 -3.33
CA LYS A 293 -4.56 17.29 -4.73
C LYS A 293 -5.40 16.03 -4.86
N ALA A 294 -5.09 15.01 -4.05
CA ALA A 294 -6.00 13.88 -3.91
C ALA A 294 -7.42 14.38 -3.72
N LEU A 295 -7.61 15.26 -2.75
CA LEU A 295 -8.97 15.68 -2.39
C LEU A 295 -9.63 16.46 -3.52
N ASP A 296 -8.85 17.17 -4.34
CA ASP A 296 -9.43 17.85 -5.49
C ASP A 296 -9.95 16.85 -6.51
N LEU A 297 -9.18 15.80 -6.80
CA LEU A 297 -9.61 14.77 -7.73
C LEU A 297 -10.84 14.03 -7.19
N LEU A 298 -10.79 13.62 -5.93
CA LEU A 298 -11.94 13.01 -5.27
C LEU A 298 -13.20 13.82 -5.56
N ASP A 299 -13.09 15.14 -5.43
CA ASP A 299 -14.23 16.02 -5.64
C ASP A 299 -14.74 15.92 -7.07
N LYS A 300 -13.84 15.80 -8.04
CA LYS A 300 -14.27 15.65 -9.42
C LYS A 300 -14.89 14.28 -9.67
N MET A 301 -14.49 13.28 -8.90
CA MET A 301 -15.00 11.95 -9.14
C MET A 301 -16.30 11.69 -8.39
N LEU A 302 -16.47 12.27 -7.22
CA LEU A 302 -17.70 12.12 -6.45
C LEU A 302 -18.63 13.32 -6.69
N THR A 303 -18.89 13.65 -7.96
CA THR A 303 -19.91 14.63 -8.28
C THR A 303 -21.26 13.94 -8.39
N PHE A 304 -22.25 14.51 -7.73
CA PHE A 304 -23.59 13.95 -7.73
C PHE A 304 -24.13 13.80 -9.16
N ASN A 305 -23.89 14.80 -10.00
CA ASN A 305 -24.44 14.83 -11.36
C ASN A 305 -23.51 14.09 -12.32
N PRO A 306 -23.95 12.99 -12.93
CA PRO A 306 -23.04 12.28 -13.84
C PRO A 306 -22.48 13.16 -14.93
N HIS A 307 -23.28 14.11 -15.44
CA HIS A 307 -22.82 14.91 -16.58
C HIS A 307 -21.68 15.84 -16.21
N LYS A 308 -21.49 16.15 -14.93
CA LYS A 308 -20.43 17.06 -14.54
C LYS A 308 -19.24 16.35 -13.90
N ARG A 309 -19.26 15.02 -13.85
CA ARG A 309 -18.21 14.21 -13.25
C ARG A 309 -17.03 14.06 -14.22
N ILE A 310 -15.81 13.98 -13.65
CA ILE A 310 -14.60 13.91 -14.46
C ILE A 310 -14.55 12.58 -15.21
N GLU A 311 -14.03 12.60 -16.43
CA GLU A 311 -13.82 11.41 -17.24
C GLU A 311 -12.40 10.85 -17.05
N VAL A 312 -12.21 9.60 -17.47
CA VAL A 312 -11.03 8.85 -17.06
C VAL A 312 -9.76 9.53 -17.57
N GLU A 313 -9.74 9.96 -18.83
CA GLU A 313 -8.53 10.62 -19.30
C GLU A 313 -8.28 11.94 -18.59
N GLN A 314 -9.35 12.68 -18.25
CA GLN A 314 -9.17 13.89 -17.44
C GLN A 314 -8.63 13.56 -16.07
N ALA A 315 -9.08 12.45 -15.48
CA ALA A 315 -8.59 12.05 -14.18
C ALA A 315 -7.09 11.78 -14.22
N LEU A 316 -6.63 11.06 -15.24
CA LEU A 316 -5.22 10.74 -15.38
C LEU A 316 -4.38 12.00 -15.49
N ALA A 317 -4.91 13.01 -16.19
CA ALA A 317 -4.24 14.29 -16.38
C ALA A 317 -4.26 15.16 -15.13
N HIS A 318 -4.97 14.76 -14.10
CA HIS A 318 -5.10 15.61 -12.92
C HIS A 318 -3.73 15.84 -12.26
N PRO A 319 -3.48 17.02 -11.71
CA PRO A 319 -2.16 17.26 -11.09
C PRO A 319 -1.77 16.19 -10.09
N TYR A 320 -2.75 15.55 -9.41
CA TYR A 320 -2.43 14.55 -8.38
C TYR A 320 -1.63 13.38 -8.95
N LEU A 321 -1.83 13.06 -10.22
CA LEU A 321 -1.12 11.96 -10.85
C LEU A 321 -0.02 12.45 -11.80
N GLU A 322 0.35 13.72 -11.75
CA GLU A 322 1.31 14.22 -12.74
C GLU A 322 2.64 13.46 -12.74
N GLN A 323 3.03 12.78 -11.66
CA GLN A 323 4.30 12.04 -11.64
C GLN A 323 4.28 10.78 -12.49
N TYR A 324 3.10 10.29 -12.88
CA TYR A 324 3.00 9.02 -13.57
C TYR A 324 2.32 9.12 -14.91
N TYR A 325 1.49 10.14 -15.10
CA TYR A 325 0.76 10.36 -16.35
C TYR A 325 1.69 10.29 -17.55
N ASP A 326 1.31 9.48 -18.53
CA ASP A 326 2.14 9.25 -19.68
C ASP A 326 1.31 8.71 -20.84
N PRO A 327 0.60 9.56 -21.55
CA PRO A 327 -0.32 9.06 -22.60
C PRO A 327 0.33 8.09 -23.57
N SER A 328 1.65 8.21 -23.80
CA SER A 328 2.36 7.30 -24.71
C SER A 328 2.60 5.93 -24.08
N ASP A 329 2.50 5.80 -22.76
CA ASP A 329 2.63 4.52 -22.10
C ASP A 329 1.31 4.07 -21.46
N GLU A 330 0.18 4.42 -22.08
CA GLU A 330 -1.16 4.10 -21.60
C GLU A 330 -1.99 3.59 -22.77
N PRO A 331 -1.95 2.29 -23.02
CA PRO A 331 -2.65 1.73 -24.18
C PRO A 331 -4.17 1.96 -24.11
N ILE A 332 -4.79 1.91 -25.30
CA ILE A 332 -6.24 1.90 -25.50
C ILE A 332 -6.57 0.66 -26.34
N ALA A 333 -7.84 0.26 -26.32
CA ALA A 333 -8.25 -0.93 -27.08
C ALA A 333 -8.08 -0.69 -28.58
N GLU A 334 -7.64 -1.74 -29.28
CA GLU A 334 -7.48 -1.63 -30.72
C GLU A 334 -8.80 -1.43 -31.43
N ALA A 335 -9.87 -1.97 -30.87
CA ALA A 335 -11.19 -1.89 -31.47
C ALA A 335 -12.26 -1.88 -30.38
N PRO A 336 -13.12 -0.87 -30.36
CA PRO A 336 -14.36 -0.95 -29.56
C PRO A 336 -14.92 -2.36 -29.49
N PHE A 337 -15.46 -2.71 -28.32
CA PHE A 337 -15.99 -4.04 -28.11
C PHE A 337 -17.43 -4.11 -28.63
N LYS A 338 -17.85 -5.35 -28.93
CA LYS A 338 -19.15 -5.63 -29.53
C LYS A 338 -19.68 -6.97 -29.02
N PHE A 339 -20.94 -6.99 -28.59
CA PHE A 339 -21.62 -8.21 -28.16
C PHE A 339 -22.36 -8.81 -29.35
N ASP A 340 -21.90 -9.98 -29.82
CA ASP A 340 -22.44 -10.55 -31.05
C ASP A 340 -23.94 -10.80 -30.96
N MET A 341 -24.48 -10.97 -29.76
CA MET A 341 -25.92 -11.04 -29.52
C MET A 341 -26.14 -10.71 -28.06
N GLU A 342 -27.04 -9.75 -27.77
CA GLU A 342 -27.28 -9.40 -26.37
C GLU A 342 -28.01 -10.56 -25.69
N LEU A 343 -27.66 -10.79 -24.41
CA LEU A 343 -27.98 -12.04 -23.72
C LEU A 343 -28.73 -11.81 -22.42
N ASP A 344 -29.33 -10.64 -22.24
CA ASP A 344 -30.23 -10.42 -21.11
C ASP A 344 -31.24 -11.55 -20.98
N ASP A 345 -32.13 -11.68 -21.96
CA ASP A 345 -33.19 -12.67 -21.93
C ASP A 345 -32.83 -13.80 -22.89
N LEU A 346 -31.97 -14.70 -22.41
CA LEU A 346 -31.65 -15.92 -23.11
C LEU A 346 -31.83 -17.09 -22.16
N PRO A 347 -32.48 -18.17 -22.63
CA PRO A 347 -32.54 -19.39 -21.82
C PRO A 347 -31.16 -19.72 -21.26
N LYS A 348 -31.12 -20.22 -20.02
CA LYS A 348 -29.85 -20.50 -19.39
C LYS A 348 -29.12 -21.69 -20.03
N GLU A 349 -29.82 -22.53 -20.81
CA GLU A 349 -29.09 -23.57 -21.54
C GLU A 349 -28.51 -23.03 -22.85
N LYS A 350 -29.14 -22.03 -23.45
CA LYS A 350 -28.49 -21.33 -24.56
C LYS A 350 -27.17 -20.70 -24.10
N LEU A 351 -27.18 -20.02 -22.94
CA LEU A 351 -25.95 -19.42 -22.44
C LEU A 351 -24.91 -20.49 -22.14
N LYS A 352 -25.33 -21.63 -21.60
CA LYS A 352 -24.39 -22.71 -21.39
C LYS A 352 -23.84 -23.21 -22.72
N GLU A 353 -24.70 -23.27 -23.75
CA GLU A 353 -24.22 -23.45 -25.11
C GLU A 353 -23.14 -22.43 -25.44
N LEU A 354 -23.52 -21.15 -25.45
CA LEU A 354 -22.61 -20.08 -25.80
C LEU A 354 -21.32 -20.13 -25.00
N ILE A 355 -21.38 -20.70 -23.79
CA ILE A 355 -20.19 -20.83 -22.97
C ILE A 355 -19.30 -21.95 -23.48
N PHE A 356 -19.84 -23.17 -23.56
CA PHE A 356 -19.17 -24.30 -24.18
C PHE A 356 -18.47 -23.85 -25.45
N GLU A 357 -19.17 -23.03 -26.25
CA GLU A 357 -18.58 -22.50 -27.48
C GLU A 357 -17.34 -21.66 -27.16
N GLU A 358 -17.51 -20.61 -26.36
CA GLU A 358 -16.41 -19.66 -26.15
C GLU A 358 -15.20 -20.31 -25.50
N THR A 359 -15.41 -21.35 -24.70
CA THR A 359 -14.30 -22.05 -24.08
C THR A 359 -13.69 -23.11 -24.98
N ALA A 360 -14.17 -23.21 -26.23
CA ALA A 360 -13.60 -24.16 -27.18
C ALA A 360 -12.16 -23.81 -27.53
N ARG A 361 -11.78 -22.54 -27.38
CA ARG A 361 -10.42 -22.12 -27.68
C ARG A 361 -9.40 -23.05 -27.03
N PHE A 362 -9.68 -23.51 -25.82
CA PHE A 362 -8.69 -24.20 -25.00
C PHE A 362 -8.87 -25.71 -25.00
N GLN A 363 -9.60 -26.22 -25.97
CA GLN A 363 -9.83 -27.65 -26.09
C GLN A 363 -9.01 -28.20 -27.26
N PRO A 364 -8.50 -29.42 -27.14
CA PRO A 364 -7.75 -30.03 -28.24
C PRO A 364 -8.53 -30.00 -29.54
N GLY A 365 -7.79 -29.87 -30.64
CA GLY A 365 -8.39 -29.95 -31.96
C GLY A 365 -9.12 -28.72 -32.44
N TYR A 366 -9.41 -27.75 -31.55
CA TYR A 366 -10.04 -26.50 -31.94
C TYR A 366 -9.50 -25.98 -33.26
N ARG A 367 -10.32 -25.99 -34.30
CA ARG A 367 -9.92 -25.50 -35.61
C ARG A 367 -10.40 -24.06 -35.81
N SER A 368 -9.68 -23.33 -36.68
CA SER A 368 -9.91 -21.91 -36.89
C SER A 368 -9.45 -21.11 -35.67
N GLU B 20 -2.57 23.27 28.61
CA GLU B 20 -2.83 22.17 27.69
C GLU B 20 -3.62 22.65 26.47
N MET B 21 -4.07 21.69 25.64
CA MET B 21 -4.94 21.95 24.50
C MET B 21 -4.18 22.18 23.19
N VAL B 22 -3.06 22.91 23.25
CA VAL B 22 -2.24 23.20 22.08
C VAL B 22 -3.08 23.49 20.85
N ARG B 23 -2.74 22.85 19.72
CA ARG B 23 -3.39 23.10 18.43
C ARG B 23 -4.76 22.41 18.38
N GLY B 24 -5.64 22.86 19.28
CA GLY B 24 -6.96 22.33 19.39
C GLY B 24 -7.06 20.90 19.84
N GLN B 25 -5.94 20.25 20.15
CA GLN B 25 -5.94 18.83 20.51
C GLN B 25 -5.45 18.67 21.94
N VAL B 26 -6.15 17.80 22.68
CA VAL B 26 -5.87 17.62 24.10
C VAL B 26 -4.45 17.18 24.31
N PHE B 27 -3.75 17.85 25.24
CA PHE B 27 -2.47 17.40 25.77
C PHE B 27 -2.67 17.19 27.27
N ASP B 28 -3.20 16.02 27.61
CA ASP B 28 -3.40 15.59 29.00
C ASP B 28 -2.06 15.37 29.69
N VAL B 29 -1.13 16.32 29.54
CA VAL B 29 0.21 16.23 30.12
C VAL B 29 0.18 16.66 31.57
N GLY B 30 -0.98 16.51 32.21
CA GLY B 30 -1.15 16.75 33.62
C GLY B 30 -0.33 17.92 34.14
N PRO B 31 0.28 17.71 35.32
CA PRO B 31 1.01 18.81 35.97
C PRO B 31 2.47 18.91 35.54
N ARG B 32 3.21 17.79 35.63
CA ARG B 32 4.65 17.82 35.42
C ARG B 32 5.04 18.71 34.25
N TYR B 33 4.40 18.50 33.11
CA TYR B 33 4.81 19.11 31.86
C TYR B 33 3.81 20.18 31.47
N THR B 34 4.27 21.42 31.44
CA THR B 34 3.44 22.56 31.10
C THR B 34 4.17 23.36 30.03
N ASN B 35 3.58 24.49 29.65
CA ASN B 35 4.19 25.37 28.67
C ASN B 35 4.65 24.55 27.46
N LEU B 36 3.69 23.91 26.81
CA LEU B 36 3.94 23.11 25.61
C LEU B 36 4.33 24.03 24.45
N SER B 37 4.64 23.46 23.28
CA SER B 37 5.03 24.32 22.16
C SER B 37 4.90 23.72 20.75
N TYR B 38 4.43 22.49 20.61
CA TYR B 38 4.14 21.92 19.29
C TYR B 38 5.33 21.86 18.35
N ILE B 39 5.59 20.69 17.77
CA ILE B 39 6.69 20.49 16.83
C ILE B 39 6.13 20.02 15.48
N GLY B 40 5.07 19.21 15.52
CA GLY B 40 4.51 18.66 14.30
C GLY B 40 3.59 17.50 14.60
N GLU B 41 3.20 16.79 13.54
CA GLU B 41 2.26 15.69 13.63
C GLU B 41 2.77 14.50 12.83
N GLY B 42 2.06 13.39 12.95
CA GLY B 42 2.37 12.16 12.23
C GLY B 42 1.08 11.47 11.81
N ALA B 43 1.16 10.21 11.36
CA ALA B 43 -0.06 9.52 10.98
C ALA B 43 -1.03 9.41 12.15
N TYR B 44 -0.50 9.28 13.37
CA TYR B 44 -1.33 9.13 14.55
C TYR B 44 -0.68 9.76 15.80
N GLY B 45 0.29 10.65 15.61
CA GLY B 45 0.96 11.28 16.72
C GLY B 45 1.17 12.76 16.50
N MET B 46 1.23 13.50 17.60
CA MET B 46 1.60 14.91 17.59
C MET B 46 2.72 15.11 18.60
N VAL B 47 3.80 15.77 18.16
CA VAL B 47 4.99 15.98 18.97
C VAL B 47 5.05 17.45 19.35
N CYS B 48 5.22 17.73 20.65
CA CYS B 48 5.33 19.09 21.14
C CYS B 48 6.52 19.23 22.08
N SER B 49 7.21 20.37 21.98
CA SER B 49 8.21 20.73 22.98
C SER B 49 7.49 21.36 24.16
N ALA B 50 7.74 20.82 25.35
CA ALA B 50 6.92 21.18 26.50
C ALA B 50 7.74 22.01 27.48
N TYR B 51 7.64 21.69 28.77
CA TYR B 51 8.54 22.27 29.77
C TYR B 51 8.38 21.42 31.02
N ASP B 52 9.42 20.64 31.35
CA ASP B 52 9.37 19.86 32.58
C ASP B 52 9.63 20.81 33.75
N ASN B 53 8.58 21.55 34.12
CA ASN B 53 8.65 22.50 35.21
C ASN B 53 9.17 21.85 36.49
N VAL B 54 9.20 20.51 36.52
CA VAL B 54 9.81 19.81 37.66
C VAL B 54 11.31 19.68 37.53
N ASN B 55 11.87 19.74 36.32
CA ASN B 55 13.32 19.69 36.16
C ASN B 55 13.86 20.92 35.43
N LYS B 56 13.14 22.05 35.49
CA LYS B 56 13.53 23.29 34.82
C LYS B 56 14.23 23.03 33.49
N VAL B 57 13.81 21.97 32.78
CA VAL B 57 14.39 21.60 31.49
C VAL B 57 13.24 21.19 30.57
N ARG B 58 13.22 21.78 29.36
CA ARG B 58 12.13 21.53 28.43
C ARG B 58 12.35 20.21 27.67
N VAL B 59 11.32 19.37 27.63
CA VAL B 59 11.41 18.04 27.05
C VAL B 59 10.59 17.98 25.76
N ALA B 60 10.78 16.90 25.04
CA ALA B 60 9.92 16.54 23.91
C ALA B 60 8.86 15.56 24.40
N ILE B 61 7.64 15.71 23.88
CA ILE B 61 6.56 14.81 24.25
C ILE B 61 5.81 14.36 23.00
N LYS B 62 5.68 13.05 22.85
CA LYS B 62 4.99 12.46 21.72
C LYS B 62 3.62 11.97 22.18
N LYS B 63 2.56 12.54 21.60
CA LYS B 63 1.21 12.04 21.79
C LYS B 63 0.84 11.17 20.60
N ILE B 64 0.55 9.91 20.87
CA ILE B 64 0.07 8.99 19.84
C ILE B 64 -1.18 8.29 20.31
N SER B 65 -2.09 8.06 19.37
CA SER B 65 -3.38 7.41 19.62
C SER B 65 -3.48 6.27 18.62
N PRO B 66 -3.04 5.07 19.00
CA PRO B 66 -2.92 3.96 18.03
C PRO B 66 -3.98 2.88 18.10
N PHE B 67 -4.96 2.98 18.99
CA PHE B 67 -5.67 1.78 19.43
C PHE B 67 -6.74 1.30 18.46
N GLU B 68 -7.29 2.17 17.61
CA GLU B 68 -8.25 1.74 16.61
C GLU B 68 -7.62 0.88 15.53
N HIS B 69 -6.29 0.78 15.47
CA HIS B 69 -5.59 0.25 14.30
C HIS B 69 -4.51 -0.75 14.72
N GLN B 70 -4.80 -2.03 14.57
CA GLN B 70 -3.76 -3.03 14.77
C GLN B 70 -2.68 -2.79 13.74
N THR B 71 -1.53 -2.28 14.17
CA THR B 71 -0.44 -1.87 13.28
C THR B 71 0.16 -0.62 13.89
N TYR B 72 -0.69 0.38 14.11
CA TYR B 72 -0.30 1.46 15.01
C TYR B 72 -0.03 0.89 16.40
N CYS B 73 -0.88 -0.03 16.86
CA CYS B 73 -0.64 -0.72 18.12
C CYS B 73 0.64 -1.56 18.05
N GLN B 74 0.94 -2.15 16.89
CA GLN B 74 2.22 -2.85 16.75
C GLN B 74 3.40 -1.89 16.84
N ARG B 75 3.42 -0.88 15.98
CA ARG B 75 4.55 0.03 15.93
C ARG B 75 4.72 0.77 17.25
N THR B 76 3.62 0.96 17.98
CA THR B 76 3.70 1.62 19.27
C THR B 76 4.23 0.69 20.35
N LEU B 77 3.76 -0.55 20.37
CA LEU B 77 4.31 -1.49 21.33
C LEU B 77 5.80 -1.75 21.04
N ARG B 78 6.17 -1.88 19.77
CA ARG B 78 7.57 -2.16 19.44
C ARG B 78 8.48 -1.05 19.97
N GLU B 79 8.14 0.20 19.67
CA GLU B 79 9.01 1.30 20.07
C GLU B 79 9.19 1.32 21.57
N ILE B 80 8.08 1.19 22.33
CA ILE B 80 8.19 1.26 23.79
C ILE B 80 9.02 0.10 24.31
N LYS B 81 8.63 -1.13 23.97
CA LYS B 81 9.39 -2.27 24.47
C LYS B 81 10.89 -2.11 24.19
N ILE B 82 11.25 -1.57 23.03
CA ILE B 82 12.66 -1.50 22.66
C ILE B 82 13.36 -0.36 23.38
N LEU B 83 12.86 0.86 23.20
CA LEU B 83 13.52 2.01 23.79
C LEU B 83 13.62 1.91 25.31
N LEU B 84 12.68 1.22 25.95
CA LEU B 84 12.82 1.08 27.40
C LEU B 84 13.91 0.08 27.75
N ARG B 85 14.21 -0.86 26.85
CA ARG B 85 15.25 -1.84 27.14
C ARG B 85 16.63 -1.36 26.73
N PHE B 86 16.72 -0.47 25.75
CA PHE B 86 17.97 0.06 25.28
C PHE B 86 18.36 1.24 26.14
N ARG B 87 19.67 1.40 26.36
CA ARG B 87 20.23 2.66 26.81
C ARG B 87 21.59 2.82 26.18
N HIS B 88 21.81 3.98 25.59
CA HIS B 88 22.95 4.23 24.72
C HIS B 88 22.88 5.70 24.35
N GLU B 89 24.03 6.37 24.31
CA GLU B 89 24.00 7.82 24.15
C GLU B 89 23.62 8.19 22.73
N ASN B 90 23.68 7.25 21.79
CA ASN B 90 23.29 7.47 20.40
C ASN B 90 21.91 6.91 20.05
N ILE B 91 21.08 6.62 21.06
CA ILE B 91 19.72 6.18 20.84
C ILE B 91 18.82 6.95 21.78
N ILE B 92 17.78 7.58 21.22
CA ILE B 92 16.81 8.28 22.05
C ILE B 92 16.30 7.33 23.13
N GLY B 93 16.10 7.86 24.32
CA GLY B 93 15.55 7.09 25.41
C GLY B 93 14.09 7.45 25.66
N ILE B 94 13.47 6.70 26.56
CA ILE B 94 12.14 7.03 27.04
C ILE B 94 12.30 7.49 28.48
N ASN B 95 12.02 8.78 28.72
CA ASN B 95 12.13 9.35 30.05
C ASN B 95 10.84 9.24 30.85
N ASP B 96 9.73 9.00 30.18
CA ASP B 96 8.43 9.04 30.83
C ASP B 96 7.36 8.59 29.83
N ILE B 97 6.41 7.81 30.34
CA ILE B 97 5.18 7.48 29.63
C ILE B 97 4.05 7.77 30.62
N ILE B 98 3.18 8.73 30.28
CA ILE B 98 1.96 8.95 31.06
C ILE B 98 0.77 8.63 30.17
N ARG B 99 -0.01 7.64 30.58
CA ARG B 99 -1.22 7.26 29.86
C ARG B 99 -2.43 7.66 30.71
N ALA B 100 -3.46 6.81 30.79
CA ALA B 100 -4.56 6.98 31.74
C ALA B 100 -4.45 5.96 32.86
N PRO B 101 -5.24 6.08 33.93
CA PRO B 101 -5.12 5.14 35.06
C PRO B 101 -5.41 3.69 34.68
N THR B 102 -6.44 3.41 33.85
CA THR B 102 -6.71 2.04 33.42
C THR B 102 -7.17 2.02 31.96
N ILE B 103 -7.18 0.82 31.39
CA ILE B 103 -7.26 0.65 29.94
C ILE B 103 -8.45 1.38 29.35
N GLU B 104 -9.59 1.34 30.03
CA GLU B 104 -10.81 1.85 29.44
C GLU B 104 -10.71 3.34 29.11
N GLN B 105 -10.09 4.12 29.99
CA GLN B 105 -9.93 5.56 29.72
C GLN B 105 -8.60 5.89 29.05
N MET B 106 -7.73 4.90 28.80
CA MET B 106 -6.49 5.15 28.08
C MET B 106 -6.81 5.29 26.60
N LYS B 107 -7.18 6.51 26.20
CA LYS B 107 -7.36 6.78 24.78
C LYS B 107 -6.03 7.09 24.11
N ASP B 108 -5.17 7.82 24.81
CA ASP B 108 -3.91 8.27 24.23
C ASP B 108 -2.74 7.81 25.10
N VAL B 109 -1.56 7.92 24.50
CA VAL B 109 -0.30 7.69 25.21
C VAL B 109 0.63 8.85 24.88
N TYR B 110 1.26 9.40 25.91
CA TYR B 110 2.24 10.47 25.75
C TYR B 110 3.58 9.91 26.20
N ILE B 111 4.57 9.96 25.32
CA ILE B 111 5.92 9.48 25.61
C ILE B 111 6.84 10.69 25.58
N VAL B 112 7.57 10.90 26.66
CA VAL B 112 8.46 12.05 26.75
C VAL B 112 9.90 11.60 26.57
N GLN B 113 10.65 12.39 25.82
CA GLN B 113 12.03 12.09 25.48
C GLN B 113 12.84 13.36 25.64
N ASP B 114 14.17 13.20 25.69
CA ASP B 114 15.07 14.35 25.60
C ASP B 114 14.64 15.20 24.40
N LEU B 115 14.58 16.50 24.61
CA LEU B 115 14.27 17.43 23.53
C LEU B 115 15.53 17.70 22.72
N MET B 116 15.45 17.53 21.42
CA MET B 116 16.59 17.67 20.54
C MET B 116 16.38 18.87 19.61
N GLU B 117 17.46 19.59 19.35
CA GLU B 117 17.32 20.84 18.61
C GLU B 117 16.70 20.62 17.25
N THR B 118 16.95 19.47 16.64
CA THR B 118 16.60 19.29 15.24
C THR B 118 16.86 17.87 14.78
N ASP B 119 16.89 17.63 13.46
CA ASP B 119 17.22 16.30 12.93
C ASP B 119 17.96 16.50 11.61
N LEU B 120 18.55 15.41 11.12
CA LEU B 120 19.45 15.51 9.97
C LEU B 120 18.70 15.77 8.68
N TYR B 121 17.41 15.45 8.62
CA TYR B 121 16.59 15.87 7.48
C TYR B 121 16.56 17.38 7.39
N LYS B 122 16.18 18.04 8.49
CA LYS B 122 16.16 19.49 8.50
C LYS B 122 17.55 20.07 8.23
N LEU B 123 18.55 19.67 9.04
CA LEU B 123 19.90 20.22 8.90
C LEU B 123 20.37 20.15 7.45
N LEU B 124 20.20 18.99 6.81
CA LEU B 124 20.64 18.85 5.44
C LEU B 124 19.92 19.80 4.48
N LYS B 125 18.79 20.38 4.89
CA LYS B 125 18.14 21.36 4.03
C LYS B 125 18.73 22.75 4.18
N THR B 126 19.66 22.95 5.09
CA THR B 126 20.10 24.30 5.42
C THR B 126 21.60 24.48 5.56
N GLN B 127 22.36 23.46 5.93
CA GLN B 127 23.81 23.56 6.04
C GLN B 127 24.41 22.57 5.05
N HIS B 128 25.37 23.02 4.27
CA HIS B 128 26.27 22.07 3.64
C HIS B 128 27.23 21.59 4.72
N LEU B 129 27.45 20.28 4.78
CA LEU B 129 28.19 19.68 5.88
C LEU B 129 29.66 19.57 5.50
N SER B 130 30.54 19.98 6.42
CA SER B 130 31.96 19.76 6.22
C SER B 130 32.27 18.28 6.32
N ASN B 131 33.41 17.89 5.72
CA ASN B 131 33.78 16.47 5.78
C ASN B 131 34.01 16.01 7.21
N ASP B 132 34.58 16.87 8.04
CA ASP B 132 34.71 16.50 9.43
C ASP B 132 33.34 16.19 10.07
N NEP B 133 32.36 17.02 9.77
CA NEP B 133 31.10 16.92 10.45
C NEP B 133 30.41 15.65 9.96
O NEP B 133 29.86 14.85 10.69
CB NEP B 133 30.22 18.17 10.26
CG NEP B 133 30.75 19.33 11.03
ND1 NEP B 133 30.19 20.61 10.95
CD2 NEP B 133 31.83 19.37 11.93
CE1 NEP B 133 30.91 21.39 11.77
NE2 NEP B 133 31.93 20.70 12.43
P NEP B 133 33.02 21.26 13.46
O1P NEP B 133 34.00 20.12 14.03
O2P NEP B 133 32.61 22.00 14.62
O3P NEP B 133 34.08 21.91 12.46
N ILE B 134 30.53 15.41 8.66
CA ILE B 134 29.95 14.21 8.05
C ILE B 134 30.55 12.96 8.70
N CYS B 135 31.87 13.03 8.88
CA CYS B 135 32.64 11.90 9.37
C CYS B 135 32.28 11.57 10.82
N TYR B 136 32.13 12.59 11.67
CA TYR B 136 31.74 12.29 13.04
C TYR B 136 30.23 11.97 13.15
N PHE B 137 29.38 12.49 12.25
CA PHE B 137 27.99 12.07 12.24
C PHE B 137 27.87 10.60 11.82
N LEU B 138 28.61 10.21 10.78
CA LEU B 138 28.64 8.81 10.34
C LEU B 138 29.05 7.89 11.47
N TYR B 139 30.10 8.27 12.20
CA TYR B 139 30.60 7.43 13.27
C TYR B 139 29.60 7.33 14.41
N GLN B 140 28.87 8.40 14.71
CA GLN B 140 27.83 8.28 15.74
C GLN B 140 26.71 7.36 15.27
N ILE B 141 26.35 7.44 13.99
CA ILE B 141 25.32 6.57 13.46
C ILE B 141 25.74 5.11 13.61
N LEU B 142 26.97 4.79 13.17
CA LEU B 142 27.44 3.41 13.23
C LEU B 142 27.68 2.96 14.66
N ARG B 143 27.95 3.90 15.55
CA ARG B 143 28.10 3.57 16.96
C ARG B 143 26.77 3.13 17.56
N GLY B 144 25.70 3.88 17.29
CA GLY B 144 24.39 3.46 17.77
C GLY B 144 23.93 2.18 17.10
N LEU B 145 24.21 2.04 15.80
CA LEU B 145 23.79 0.87 15.04
C LEU B 145 24.52 -0.38 15.49
N LYS B 146 25.78 -0.24 15.93
CA LYS B 146 26.51 -1.38 16.49
C LYS B 146 25.83 -1.91 17.74
N TYR B 147 25.37 -1.01 18.60
CA TYR B 147 24.64 -1.44 19.77
C TYR B 147 23.29 -2.06 19.40
N ILE B 148 22.57 -1.45 18.43
CA ILE B 148 21.32 -2.03 17.96
C ILE B 148 21.56 -3.44 17.45
N HIS B 149 22.54 -3.61 16.56
CA HIS B 149 22.78 -4.91 15.98
C HIS B 149 23.33 -5.91 16.98
N SER B 150 24.01 -5.44 18.03
CA SER B 150 24.49 -6.35 19.07
C SER B 150 23.34 -6.86 19.93
N ALA B 151 22.21 -6.18 19.94
CA ALA B 151 21.02 -6.69 20.60
C ALA B 151 20.21 -7.62 19.70
N ASN B 152 20.66 -7.83 18.46
CA ASN B 152 19.98 -8.70 17.51
C ASN B 152 18.69 -8.06 17.01
N VAL B 153 18.68 -6.73 16.96
CA VAL B 153 17.56 -5.91 16.48
C VAL B 153 17.96 -5.25 15.17
N LEU B 154 17.04 -5.26 14.18
CA LEU B 154 17.10 -4.35 13.04
C LEU B 154 16.32 -3.09 13.36
N HIS B 155 16.75 -1.98 12.76
CA HIS B 155 15.97 -0.77 12.94
C HIS B 155 14.89 -0.64 11.86
N ARG B 156 15.30 -0.80 10.60
CA ARG B 156 14.43 -0.97 9.48
C ARG B 156 13.88 0.35 8.97
N ASP B 157 14.18 1.49 9.60
CA ASP B 157 13.65 2.76 9.14
C ASP B 157 14.70 3.84 9.33
N LEU B 158 15.96 3.49 9.12
CA LEU B 158 17.00 4.51 9.20
C LEU B 158 16.89 5.45 8.01
N LYS B 159 16.85 6.73 8.30
CA LYS B 159 16.81 7.80 7.33
C LYS B 159 17.14 9.09 8.06
N PRO B 160 17.38 10.18 7.32
CA PRO B 160 17.81 11.42 7.98
C PRO B 160 16.81 11.95 8.99
N SER B 161 15.51 11.88 8.71
CA SER B 161 14.52 12.39 9.66
C SER B 161 14.43 11.57 10.95
N ASN B 162 15.00 10.37 11.03
CA ASN B 162 15.03 9.64 12.29
C ASN B 162 16.36 9.76 13.02
N LEU B 163 17.22 10.72 12.64
CA LEU B 163 18.49 11.01 13.31
C LEU B 163 18.33 12.35 14.00
N LEU B 164 18.09 12.32 15.31
CA LEU B 164 17.90 13.54 16.07
C LEU B 164 19.26 14.17 16.40
N LEU B 165 19.36 15.50 16.21
CA LEU B 165 20.60 16.22 16.35
C LEU B 165 20.48 17.31 17.40
N ASN B 166 21.49 17.40 18.28
CA ASN B 166 21.66 18.57 19.16
C ASN B 166 22.84 19.42 18.72
N THR B 167 24.04 18.89 18.81
CA THR B 167 25.27 19.53 18.35
C THR B 167 25.92 18.62 17.31
N THR B 168 27.07 19.03 16.80
CA THR B 168 27.83 18.09 15.97
C THR B 168 28.28 16.86 16.75
N CYS B 169 28.19 16.88 18.08
CA CYS B 169 28.58 15.76 18.92
C CYS B 169 27.40 15.14 19.63
N ASP B 170 26.20 15.25 19.06
CA ASP B 170 25.04 14.74 19.79
C ASP B 170 23.99 14.29 18.75
N LEU B 171 24.18 13.06 18.26
CA LEU B 171 23.26 12.37 17.36
C LEU B 171 22.53 11.25 18.08
N LYS B 172 21.23 11.08 17.82
CA LYS B 172 20.45 10.01 18.43
C LYS B 172 19.48 9.41 17.42
N ILE B 173 19.59 8.10 17.24
CA ILE B 173 18.65 7.33 16.43
C ILE B 173 17.32 7.26 17.15
N CYS B 174 16.24 7.51 16.42
CA CYS B 174 14.89 7.49 16.99
C CYS B 174 13.97 6.64 16.12
N ASP B 175 12.68 6.54 16.52
CA ASP B 175 11.62 5.92 15.72
C ASP B 175 11.88 4.45 15.40
N PHE B 176 11.63 3.56 16.37
CA PHE B 176 11.80 2.12 16.20
C PHE B 176 10.48 1.38 15.87
N GLY B 177 9.47 2.09 15.34
CA GLY B 177 8.20 1.46 15.04
C GLY B 177 8.31 0.21 14.20
N LEU B 178 9.23 0.19 13.24
CA LEU B 178 9.36 -0.87 12.25
C LEU B 178 10.39 -1.94 12.64
N ALA B 179 10.85 -1.94 13.89
CA ALA B 179 12.01 -2.74 14.23
C ALA B 179 11.67 -4.21 14.39
N ARG B 180 12.67 -5.05 14.15
CA ARG B 180 12.48 -6.49 14.23
C ARG B 180 13.69 -7.12 14.89
N VAL B 181 13.46 -8.30 15.47
CA VAL B 181 14.55 -9.18 15.87
C VAL B 181 15.12 -9.86 14.65
N ALA B 182 16.44 -9.74 14.46
CA ALA B 182 17.07 -10.35 13.29
C ALA B 182 16.72 -11.83 13.20
N ASP B 183 16.71 -12.34 11.98
CA ASP B 183 16.30 -13.71 11.68
C ASP B 183 16.70 -14.04 10.25
N PRO B 184 18.01 -14.09 9.96
CA PRO B 184 18.45 -14.18 8.56
C PRO B 184 18.24 -15.55 7.97
N ASP B 185 17.85 -16.52 8.77
CA ASP B 185 17.58 -17.87 8.29
C ASP B 185 16.13 -18.05 7.86
N HIS B 186 15.22 -17.22 8.36
CA HIS B 186 13.79 -17.30 8.05
C HIS B 186 13.35 -15.95 7.47
N ASP B 187 13.85 -15.61 6.30
CA ASP B 187 13.61 -14.31 5.68
C ASP B 187 12.67 -14.51 4.50
N HIS B 188 11.38 -14.60 4.77
CA HIS B 188 10.41 -15.10 3.80
C HIS B 188 9.26 -14.15 3.55
N THR B 189 8.10 -14.45 4.14
CA THR B 189 6.83 -13.76 3.92
C THR B 189 6.97 -12.31 3.49
N GLY B 190 6.10 -11.86 2.60
CA GLY B 190 5.93 -10.43 2.44
C GLY B 190 5.52 -10.05 1.04
N PHE B 191 5.91 -8.83 0.69
CA PHE B 191 5.64 -8.11 -0.56
C PHE B 191 4.61 -7.02 -0.32
N LEU B 192 3.42 -7.39 0.19
CA LEU B 192 2.48 -6.41 0.71
C LEU B 192 2.18 -6.66 2.18
N THR B 193 3.04 -7.41 2.86
CA THR B 193 2.78 -7.83 4.23
C THR B 193 3.27 -6.80 5.24
N GLU B 194 4.51 -6.31 5.10
CA GLU B 194 5.10 -5.37 6.05
C GLU B 194 5.55 -4.12 5.32
N TYR B 195 5.52 -2.98 6.01
CA TYR B 195 6.26 -1.80 5.58
C TYR B 195 7.68 -1.89 6.12
N VAL B 196 8.67 -1.94 5.23
CA VAL B 196 10.07 -2.14 5.57
C VAL B 196 10.88 -1.03 4.90
N ALA B 197 11.46 -0.14 5.71
CA ALA B 197 12.25 0.98 5.23
C ALA B 197 11.39 1.99 4.49
N THR B 198 11.66 3.27 4.70
CA THR B 198 11.20 4.28 3.76
C THR B 198 11.83 4.01 2.39
N ARG B 199 11.11 4.38 1.33
CA ARG B 199 11.43 3.88 -0.01
C ARG B 199 12.86 4.24 -0.45
N TRP B 200 13.26 5.52 -0.36
CA TRP B 200 14.58 5.92 -0.84
C TRP B 200 15.72 5.23 -0.09
N TYR B 201 15.47 4.80 1.13
CA TYR B 201 16.47 4.20 1.98
C TYR B 201 16.34 2.68 2.02
N ARG B 202 15.60 2.11 1.07
CA ARG B 202 15.20 0.71 1.13
C ARG B 202 16.21 -0.18 0.41
N ALA B 203 16.79 -1.14 1.13
CA ALA B 203 17.79 -2.01 0.56
C ALA B 203 17.24 -2.78 -0.64
N PRO B 204 18.05 -3.02 -1.68
CA PRO B 204 17.53 -3.71 -2.86
C PRO B 204 16.96 -5.09 -2.57
N GLU B 205 17.40 -5.76 -1.50
CA GLU B 205 16.88 -7.09 -1.23
C GLU B 205 15.51 -7.09 -0.55
N ILE B 206 15.03 -5.93 -0.10
CA ILE B 206 13.67 -5.84 0.45
C ILE B 206 12.64 -5.92 -0.68
N MET B 207 12.72 -4.97 -1.62
CA MET B 207 12.23 -5.18 -2.97
C MET B 207 13.04 -6.34 -3.55
N LEU B 208 12.48 -7.05 -4.53
CA LEU B 208 13.20 -8.26 -4.90
C LEU B 208 13.20 -9.24 -3.73
N ASN B 209 13.22 -10.54 -4.00
CA ASN B 209 13.11 -11.58 -2.97
C ASN B 209 12.90 -11.11 -1.53
N SER B 210 11.91 -10.23 -1.31
CA SER B 210 11.58 -9.58 -0.03
C SER B 210 12.23 -10.18 1.21
N LYS B 211 13.31 -9.53 1.66
CA LYS B 211 14.11 -9.96 2.82
C LYS B 211 14.14 -8.80 3.82
N GLY B 212 13.34 -8.89 4.88
CA GLY B 212 13.39 -7.83 5.88
C GLY B 212 13.95 -8.19 7.25
N TYR B 213 14.80 -9.22 7.37
CA TYR B 213 15.20 -9.71 8.69
C TYR B 213 16.71 -9.93 8.82
N THR B 214 17.50 -9.33 7.95
CA THR B 214 18.94 -9.40 8.01
C THR B 214 19.52 -8.01 8.26
N LYS B 215 20.50 -7.97 9.18
CA LYS B 215 21.15 -6.71 9.53
C LYS B 215 21.65 -5.96 8.30
N SER B 216 21.96 -6.68 7.21
CA SER B 216 22.46 -5.99 6.02
C SER B 216 21.55 -4.83 5.62
N ILE B 217 20.26 -4.91 5.97
CA ILE B 217 19.28 -3.90 5.57
C ILE B 217 19.63 -2.52 6.15
N ASP B 218 20.03 -2.47 7.41
CA ASP B 218 20.31 -1.17 8.00
C ASP B 218 21.56 -0.57 7.39
N ILE B 219 22.52 -1.39 7.00
CA ILE B 219 23.77 -0.84 6.48
C ILE B 219 23.51 -0.10 5.18
N TRP B 220 22.65 -0.66 4.33
CA TRP B 220 22.25 0.01 3.09
C TRP B 220 21.68 1.40 3.36
N SER B 221 20.68 1.48 4.27
CA SER B 221 20.14 2.78 4.65
C SER B 221 21.26 3.73 5.07
N VAL B 222 22.23 3.22 5.83
CA VAL B 222 23.34 4.06 6.27
C VAL B 222 24.14 4.56 5.08
N GLY B 223 24.41 3.69 4.11
CA GLY B 223 24.98 4.19 2.86
C GLY B 223 24.20 5.34 2.28
N CYS B 224 22.88 5.16 2.12
CA CYS B 224 22.05 6.21 1.54
C CYS B 224 22.18 7.51 2.31
N ILE B 225 22.25 7.43 3.64
CA ILE B 225 22.37 8.65 4.43
C ILE B 225 23.75 9.29 4.24
N LEU B 226 24.79 8.47 4.14
CA LEU B 226 26.13 9.02 3.92
C LEU B 226 26.16 9.78 2.60
N ALA B 227 25.75 9.12 1.51
CA ALA B 227 25.66 9.79 0.23
C ALA B 227 24.91 11.10 0.38
N GLU B 228 23.78 11.05 1.09
CA GLU B 228 22.94 12.22 1.16
C GLU B 228 23.65 13.35 1.91
N MET B 229 24.39 13.00 2.96
CA MET B 229 25.19 13.99 3.68
C MET B 229 26.29 14.62 2.84
N LEU B 230 26.72 13.97 1.76
CA LEU B 230 27.77 14.56 0.94
C LEU B 230 27.20 15.58 -0.04
N SER B 231 26.01 15.31 -0.57
CA SER B 231 25.39 16.10 -1.63
C SER B 231 24.31 17.04 -1.13
N ASN B 232 23.78 16.81 0.07
CA ASN B 232 22.54 17.42 0.49
C ASN B 232 21.35 17.00 -0.38
N ARG B 233 21.51 16.01 -1.26
CA ARG B 233 20.35 15.53 -1.98
C ARG B 233 20.27 14.01 -1.93
N PRO B 234 19.07 13.46 -1.72
CA PRO B 234 18.92 12.01 -1.60
C PRO B 234 19.46 11.34 -2.85
N ILE B 235 20.15 10.22 -2.67
CA ILE B 235 20.88 9.67 -3.81
C ILE B 235 20.00 8.80 -4.72
N PHE B 236 18.95 8.18 -4.17
CA PHE B 236 18.05 7.31 -4.93
C PHE B 236 16.60 7.75 -4.71
N PRO B 237 16.18 8.82 -5.36
CA PRO B 237 14.83 9.36 -5.11
C PRO B 237 13.76 8.89 -6.09
N GLY B 238 13.41 7.62 -6.03
CA GLY B 238 12.44 7.06 -6.95
C GLY B 238 11.00 7.35 -6.55
N LYS B 239 10.15 7.41 -7.58
CA LYS B 239 8.70 7.60 -7.39
C LYS B 239 8.05 6.42 -6.68
N HIS B 240 8.42 5.20 -7.05
CA HIS B 240 7.80 4.00 -6.50
C HIS B 240 8.85 2.90 -6.54
N TYR B 241 8.48 1.68 -6.14
CA TYR B 241 9.55 0.75 -5.80
C TYR B 241 10.28 0.27 -7.05
N LEU B 242 9.58 0.09 -8.17
CA LEU B 242 10.27 -0.24 -9.42
C LEU B 242 11.19 0.90 -9.86
N ASP B 243 10.76 2.14 -9.66
CA ASP B 243 11.59 3.28 -10.00
C ASP B 243 12.76 3.44 -9.01
N GLN B 244 12.56 3.01 -7.76
CA GLN B 244 13.67 2.86 -6.83
C GLN B 244 14.76 1.99 -7.43
N LEU B 245 14.39 0.77 -7.84
CA LEU B 245 15.34 -0.09 -8.54
C LEU B 245 16.00 0.63 -9.72
N ASN B 246 15.20 1.38 -10.50
CA ASN B 246 15.79 2.07 -11.64
C ASN B 246 16.90 2.99 -11.20
N HIS B 247 16.62 3.85 -10.21
CA HIS B 247 17.60 4.80 -9.73
C HIS B 247 18.85 4.10 -9.19
N ILE B 248 18.66 3.04 -8.42
CA ILE B 248 19.79 2.28 -7.92
C ILE B 248 20.64 1.76 -9.07
N LEU B 249 20.01 1.10 -10.05
CA LEU B 249 20.79 0.56 -11.17
C LEU B 249 21.45 1.67 -11.98
N GLY B 250 20.88 2.88 -11.98
CA GLY B 250 21.49 3.98 -12.68
C GLY B 250 22.82 4.45 -12.10
N ILE B 251 23.19 3.95 -10.92
CA ILE B 251 24.39 4.42 -10.24
C ILE B 251 25.31 3.25 -9.99
N LEU B 252 24.82 2.21 -9.32
CA LEU B 252 25.60 0.97 -9.16
C LEU B 252 25.86 0.32 -10.51
N GLY B 253 25.32 0.87 -11.59
CA GLY B 253 25.37 0.19 -12.88
C GLY B 253 24.53 -1.07 -12.90
N SER B 254 24.18 -1.54 -14.11
CA SER B 254 23.38 -2.75 -14.29
C SER B 254 23.88 -3.83 -13.34
N PRO B 255 23.01 -4.61 -12.71
CA PRO B 255 23.48 -5.71 -11.87
C PRO B 255 24.15 -6.74 -12.74
N SER B 256 24.89 -7.64 -12.09
CA SER B 256 25.38 -8.82 -12.78
C SER B 256 24.25 -9.84 -12.93
N GLN B 257 24.16 -10.45 -14.11
CA GLN B 257 23.29 -11.60 -14.28
C GLN B 257 23.75 -12.72 -13.36
N GLU B 258 23.33 -12.64 -12.09
CA GLU B 258 23.67 -13.55 -11.00
C GLU B 258 23.10 -12.86 -9.77
N ASP B 259 23.59 -11.64 -9.53
CA ASP B 259 22.79 -10.66 -8.83
C ASP B 259 21.38 -10.67 -9.40
N LEU B 260 21.28 -10.68 -10.74
CA LEU B 260 20.03 -10.49 -11.46
C LEU B 260 19.28 -11.79 -11.73
N ASN B 261 19.78 -12.93 -11.26
CA ASN B 261 19.17 -14.22 -11.55
C ASN B 261 18.66 -14.97 -10.33
N CYS B 262 18.80 -14.42 -9.13
CA CYS B 262 18.18 -14.99 -7.94
C CYS B 262 17.08 -14.07 -7.40
N ILE B 263 16.44 -13.31 -8.29
CA ILE B 263 15.31 -12.46 -7.94
C ILE B 263 14.05 -13.30 -7.91
N ILE B 264 13.51 -13.52 -6.71
CA ILE B 264 12.25 -14.26 -6.58
C ILE B 264 11.09 -13.38 -6.99
N ASN B 265 11.19 -12.06 -6.76
CA ASN B 265 10.20 -11.12 -7.27
C ASN B 265 10.31 -11.08 -8.78
N LEU B 266 9.57 -11.95 -9.45
CA LEU B 266 9.78 -12.14 -10.86
C LEU B 266 9.20 -10.99 -11.68
N LYS B 267 8.07 -10.42 -11.25
CA LYS B 267 7.61 -9.19 -11.89
C LYS B 267 8.76 -8.20 -11.99
N ALA B 268 9.42 -7.94 -10.86
CA ALA B 268 10.46 -6.92 -10.83
C ALA B 268 11.65 -7.31 -11.70
N ARG B 269 12.07 -8.58 -11.64
CA ARG B 269 13.22 -9.00 -12.43
C ARG B 269 12.97 -8.72 -13.92
N ASN B 270 11.72 -8.89 -14.37
CA ASN B 270 11.38 -8.52 -15.73
C ASN B 270 11.52 -7.03 -15.96
N TYR B 271 11.03 -6.22 -15.03
CA TYR B 271 11.21 -4.78 -15.15
C TYR B 271 12.67 -4.45 -15.47
N LEU B 272 13.61 -5.22 -14.91
CA LEU B 272 15.03 -4.88 -15.05
C LEU B 272 15.56 -5.22 -16.43
N LEU B 273 15.38 -6.47 -16.86
CA LEU B 273 15.71 -6.90 -18.21
C LEU B 273 15.26 -5.86 -19.24
N SER B 274 14.14 -5.20 -18.98
CA SER B 274 13.57 -4.25 -19.92
C SER B 274 14.31 -2.92 -19.94
N LEU B 275 15.34 -2.76 -19.11
CA LEU B 275 16.05 -1.48 -19.00
C LEU B 275 17.38 -1.52 -19.74
N PRO B 276 17.76 -0.41 -20.38
CA PRO B 276 19.04 -0.38 -21.09
C PRO B 276 20.20 -0.63 -20.14
N HIS B 277 21.19 -1.37 -20.63
CA HIS B 277 22.37 -1.64 -19.84
C HIS B 277 23.05 -0.33 -19.44
N LYS B 278 23.14 -0.10 -18.13
CA LYS B 278 23.83 1.06 -17.58
C LYS B 278 25.11 0.60 -16.90
N ASN B 279 26.11 1.47 -16.86
CA ASN B 279 27.37 1.08 -16.24
C ASN B 279 27.68 1.95 -15.02
N LYS B 280 28.33 1.33 -14.04
CA LYS B 280 28.51 1.87 -12.70
C LYS B 280 29.14 3.25 -12.70
N VAL B 281 28.40 4.28 -12.34
CA VAL B 281 29.01 5.61 -12.25
C VAL B 281 30.03 5.62 -11.12
N PRO B 282 31.27 6.02 -11.36
CA PRO B 282 32.28 6.03 -10.30
C PRO B 282 32.00 7.10 -9.26
N TRP B 283 32.14 6.71 -7.99
CA TRP B 283 31.71 7.55 -6.88
C TRP B 283 32.33 8.93 -6.96
N ASN B 284 33.61 9.01 -7.37
CA ASN B 284 34.28 10.29 -7.53
C ASN B 284 33.55 11.16 -8.56
N ARG B 285 32.84 10.52 -9.51
CA ARG B 285 31.95 11.26 -10.41
C ARG B 285 30.86 12.00 -9.62
N LEU B 286 30.02 11.25 -8.91
CA LEU B 286 28.88 11.86 -8.24
C LEU B 286 29.31 12.91 -7.24
N PHE B 287 30.26 12.57 -6.36
CA PHE B 287 30.65 13.43 -5.24
C PHE B 287 32.11 13.83 -5.42
N PRO B 288 32.37 14.88 -6.21
CA PRO B 288 33.78 15.20 -6.54
C PRO B 288 34.64 15.54 -5.34
N ASN B 289 34.19 16.46 -4.49
CA ASN B 289 34.97 16.93 -3.35
C ASN B 289 34.85 16.06 -2.10
N ALA B 290 34.73 14.76 -2.30
CA ALA B 290 34.48 13.85 -1.19
C ALA B 290 35.76 13.12 -0.84
N ASP B 291 36.13 13.14 0.45
CA ASP B 291 37.20 12.30 0.95
C ASP B 291 37.19 10.94 0.28
N SER B 292 38.26 10.62 -0.44
CA SER B 292 38.32 9.32 -1.07
C SER B 292 38.09 8.19 -0.07
N LYS B 293 38.35 8.43 1.22
CA LYS B 293 38.06 7.39 2.21
C LYS B 293 36.56 7.22 2.41
N ALA B 294 35.84 8.33 2.52
CA ALA B 294 34.39 8.29 2.59
C ALA B 294 33.80 7.52 1.41
N LEU B 295 34.27 7.82 0.20
CA LEU B 295 33.74 7.14 -1.00
C LEU B 295 34.01 5.65 -0.94
N ASP B 296 35.18 5.27 -0.47
CA ASP B 296 35.46 3.84 -0.43
C ASP B 296 34.57 3.13 0.57
N LEU B 297 34.17 3.81 1.66
CA LEU B 297 33.28 3.19 2.62
C LEU B 297 31.85 3.16 2.10
N LEU B 298 31.44 4.25 1.48
CA LEU B 298 30.16 4.34 0.80
C LEU B 298 29.96 3.17 -0.16
N ASP B 299 30.98 2.90 -0.97
CA ASP B 299 30.89 1.86 -1.98
C ASP B 299 30.69 0.50 -1.35
N LYS B 300 31.24 0.30 -0.16
CA LYS B 300 31.09 -0.97 0.53
C LYS B 300 29.77 -1.06 1.28
N MET B 301 29.11 0.07 1.50
CA MET B 301 27.79 0.04 2.13
C MET B 301 26.72 -0.18 1.06
N LEU B 302 26.81 0.55 -0.03
CA LEU B 302 25.86 0.52 -1.12
C LEU B 302 26.19 -0.57 -2.13
N THR B 303 26.38 -1.79 -1.64
CA THR B 303 26.68 -2.93 -2.50
C THR B 303 25.39 -3.70 -2.77
N PHE B 304 25.05 -3.82 -4.05
CA PHE B 304 23.78 -4.39 -4.46
C PHE B 304 23.51 -5.74 -3.80
N ASN B 305 24.49 -6.58 -3.73
CA ASN B 305 24.26 -7.86 -3.08
C ASN B 305 24.44 -7.69 -1.57
N PRO B 306 23.44 -8.07 -0.77
CA PRO B 306 23.64 -7.95 0.69
C PRO B 306 24.80 -8.78 1.20
N HIS B 307 25.09 -9.92 0.56
CA HIS B 307 26.14 -10.79 1.04
C HIS B 307 27.53 -10.18 0.85
N LYS B 308 27.66 -9.24 -0.08
CA LYS B 308 28.91 -8.53 -0.31
C LYS B 308 28.94 -7.16 0.37
N ARG B 309 28.20 -6.99 1.47
CA ARG B 309 27.98 -5.68 2.07
C ARG B 309 28.64 -5.61 3.45
N ILE B 310 29.35 -4.50 3.70
CA ILE B 310 30.10 -4.39 4.95
C ILE B 310 29.15 -4.45 6.15
N GLU B 311 29.62 -5.07 7.21
CA GLU B 311 28.87 -5.11 8.46
C GLU B 311 29.23 -3.91 9.31
N VAL B 312 28.58 -3.79 10.47
CA VAL B 312 28.67 -2.55 11.24
C VAL B 312 30.06 -2.40 11.85
N GLU B 313 30.56 -3.46 12.48
CA GLU B 313 31.90 -3.42 13.09
C GLU B 313 32.96 -3.15 12.03
N GLN B 314 32.93 -3.89 10.92
CA GLN B 314 33.86 -3.63 9.84
C GLN B 314 33.81 -2.15 9.43
N ALA B 315 32.62 -1.56 9.45
CA ALA B 315 32.48 -0.17 9.02
C ALA B 315 33.06 0.78 10.05
N LEU B 316 32.85 0.49 11.33
CA LEU B 316 33.52 1.28 12.37
C LEU B 316 35.03 1.24 12.21
N ALA B 317 35.58 0.14 11.69
CA ALA B 317 37.03 -0.01 11.53
C ALA B 317 37.52 0.39 10.15
N HIS B 318 36.70 1.08 9.36
CA HIS B 318 37.18 1.52 8.07
C HIS B 318 38.16 2.68 8.27
N PRO B 319 39.12 2.86 7.37
CA PRO B 319 40.08 3.95 7.55
C PRO B 319 39.41 5.30 7.64
N TYR B 320 38.23 5.46 7.04
CA TYR B 320 37.56 6.75 7.09
C TYR B 320 37.24 7.18 8.51
N LEU B 321 37.15 6.25 9.46
CA LEU B 321 36.70 6.57 10.80
C LEU B 321 37.79 6.33 11.84
N GLU B 322 39.06 6.39 11.42
CA GLU B 322 40.13 5.99 12.34
C GLU B 322 40.42 7.04 13.42
N GLN B 323 40.14 8.34 13.18
CA GLN B 323 40.19 9.28 14.30
C GLN B 323 39.34 8.83 15.47
N TYR B 324 38.21 8.17 15.18
CA TYR B 324 37.20 7.95 16.21
C TYR B 324 37.08 6.52 16.65
N TYR B 325 37.41 5.57 15.78
CA TYR B 325 37.22 4.16 16.12
C TYR B 325 37.87 3.82 17.46
N ASP B 326 37.15 3.06 18.29
CA ASP B 326 37.66 2.74 19.62
C ASP B 326 36.72 1.79 20.35
N PRO B 327 36.87 0.48 20.14
CA PRO B 327 35.92 -0.49 20.71
C PRO B 327 35.71 -0.37 22.23
N SER B 328 36.73 0.07 22.99
CA SER B 328 36.56 0.19 24.43
C SER B 328 35.55 1.27 24.78
N ASP B 329 35.23 2.13 23.83
CA ASP B 329 34.23 3.17 24.05
C ASP B 329 32.99 3.02 23.17
N GLU B 330 32.72 1.80 22.65
CA GLU B 330 31.56 1.52 21.80
C GLU B 330 30.72 0.46 22.48
N PRO B 331 29.90 0.84 23.44
CA PRO B 331 29.14 -0.14 24.20
C PRO B 331 28.24 -0.98 23.31
N ILE B 332 27.98 -2.20 23.78
CA ILE B 332 27.14 -3.16 23.09
C ILE B 332 26.06 -3.58 24.09
N ALA B 333 25.03 -4.26 23.58
CA ALA B 333 23.99 -4.72 24.48
C ALA B 333 24.50 -5.91 25.27
N GLU B 334 24.13 -5.96 26.55
CA GLU B 334 24.58 -7.08 27.38
C GLU B 334 23.97 -8.40 26.92
N ALA B 335 22.85 -8.36 26.19
CA ALA B 335 22.19 -9.61 25.85
C ALA B 335 21.26 -9.47 24.66
N PRO B 336 21.26 -10.44 23.74
CA PRO B 336 20.24 -10.50 22.68
C PRO B 336 18.84 -10.17 23.13
N PHE B 337 18.16 -9.35 22.34
CA PHE B 337 16.77 -8.99 22.56
C PHE B 337 15.84 -10.08 22.02
N LYS B 338 14.63 -10.18 22.58
CA LYS B 338 13.77 -11.36 22.43
C LYS B 338 12.40 -11.04 21.85
N PHE B 339 11.60 -10.17 22.47
CA PHE B 339 10.18 -10.10 22.14
C PHE B 339 9.45 -11.33 22.72
N ASP B 340 8.62 -11.10 23.74
CA ASP B 340 8.02 -12.24 24.41
C ASP B 340 7.13 -13.06 23.47
N MET B 341 6.35 -12.39 22.60
CA MET B 341 5.08 -12.99 22.21
C MET B 341 4.71 -13.07 20.74
N GLU B 342 5.48 -12.51 19.79
CA GLU B 342 4.97 -12.52 18.41
C GLU B 342 3.75 -11.63 18.34
N LEU B 343 3.90 -10.42 17.80
CA LEU B 343 2.86 -9.41 17.93
C LEU B 343 2.13 -9.13 16.63
N ASP B 344 2.49 -9.81 15.54
CA ASP B 344 1.86 -9.57 14.25
C ASP B 344 0.36 -9.80 14.29
N ASP B 345 -0.05 -10.89 14.93
CA ASP B 345 -1.42 -11.34 14.80
C ASP B 345 -2.31 -10.95 15.96
N LEU B 346 -1.74 -10.55 17.08
CA LEU B 346 -2.57 -10.21 18.24
C LEU B 346 -3.52 -9.07 17.87
N PRO B 347 -4.80 -9.16 18.22
CA PRO B 347 -5.73 -8.08 17.86
C PRO B 347 -5.41 -6.80 18.60
N LYS B 348 -5.86 -5.68 18.02
CA LYS B 348 -5.57 -4.38 18.61
C LYS B 348 -6.03 -4.28 20.06
N GLU B 349 -6.85 -5.24 20.52
CA GLU B 349 -7.26 -5.36 21.90
C GLU B 349 -6.20 -6.02 22.76
N LYS B 350 -5.59 -7.10 22.27
CA LYS B 350 -4.52 -7.70 23.07
C LYS B 350 -3.31 -6.74 23.15
N LEU B 351 -2.87 -6.20 22.00
CA LEU B 351 -1.80 -5.22 22.02
C LEU B 351 -2.12 -4.07 22.96
N LYS B 352 -3.38 -3.59 22.95
CA LYS B 352 -3.69 -2.47 23.83
C LYS B 352 -3.40 -2.83 25.28
N GLU B 353 -3.63 -4.09 25.65
CA GLU B 353 -3.26 -4.53 26.99
C GLU B 353 -1.75 -4.59 27.14
N LEU B 354 -1.06 -5.23 26.18
CA LEU B 354 0.39 -5.29 26.19
C LEU B 354 1.01 -3.91 26.41
N ILE B 355 0.50 -2.90 25.71
CA ILE B 355 0.97 -1.54 25.96
C ILE B 355 0.69 -1.14 27.39
N PHE B 356 -0.57 -1.27 27.82
CA PHE B 356 -0.94 -0.88 29.17
C PHE B 356 0.03 -1.44 30.20
N GLU B 357 0.29 -2.75 30.14
CA GLU B 357 1.29 -3.36 31.00
C GLU B 357 2.61 -2.58 30.96
N GLU B 358 3.27 -2.56 29.80
CA GLU B 358 4.63 -2.05 29.70
C GLU B 358 4.75 -0.59 30.11
N THR B 359 3.67 0.17 30.04
CA THR B 359 3.68 1.56 30.45
C THR B 359 3.35 1.77 31.93
N ALA B 360 3.10 0.68 32.65
CA ALA B 360 2.60 0.82 34.02
C ALA B 360 3.71 1.29 34.96
N ARG B 361 4.95 0.89 34.69
CA ARG B 361 6.06 1.38 35.51
C ARG B 361 5.99 2.88 35.73
N PHE B 362 5.58 3.63 34.71
CA PHE B 362 5.51 5.08 34.84
C PHE B 362 4.28 5.59 35.59
N GLN B 363 3.40 4.69 36.05
CA GLN B 363 2.17 5.10 36.73
C GLN B 363 2.44 5.30 38.22
N PRO B 364 2.21 6.52 38.76
CA PRO B 364 2.64 6.81 40.14
C PRO B 364 2.09 5.85 41.18
N GLY B 365 2.44 4.58 41.08
CA GLY B 365 1.98 3.60 42.04
C GLY B 365 3.02 3.26 43.10
O5' 5ID C . -12.83 -11.48 -5.37
C5' 5ID C . -11.48 -11.34 -4.99
C4' 5ID C . -11.12 -12.56 -4.07
O4' 5ID C . -11.27 -13.72 -4.65
C1' 5ID C . -9.87 -14.56 -4.48
N9 5ID C . -9.15 -14.47 -5.74
C8 5ID C . -9.80 -14.43 -6.90
C7 5ID C . -8.87 -14.37 -7.94
C5 5ID C . -7.57 -14.37 -7.32
C6 5ID C . -6.20 -14.32 -7.78
N1 5ID C . -5.21 -14.35 -6.89
C2 5ID C . -5.46 -14.41 -5.58
N3 5ID C . -6.70 -14.46 -5.12
C4 5ID C . -7.79 -14.44 -5.95
N6 5ID C . -5.88 -14.25 -9.19
C2' 5ID C . -9.29 -14.00 -3.44
O2' 5ID C . -9.95 -14.47 -2.15
C3' 5ID C . -9.59 -12.51 -3.67
O3' 5ID C . -9.35 -11.81 -2.56
IAE 5ID C . -9.43 -14.28 -9.99
H5' 5ID C . -12.99 -10.96 -6.03
H5'1 5ID C . -11.35 -10.52 -4.50
H5'2 5ID C . -10.91 -11.34 -5.79
H4' 5ID C . -11.69 -12.53 -3.30
H1' 5ID C . -9.97 -15.50 -4.25
H8 5ID C . -10.72 -14.43 -7.01
H2 5ID C . -4.75 -14.42 -4.98
H6N1 5ID C . -5.50 -14.91 -9.59
H6N2 5ID C . -6.06 -13.53 -9.63
H2' 5ID C . -8.34 -14.19 -3.41
HA 5ID C . -10.64 -14.95 -2.32
H3' 5ID C . -9.06 -12.12 -4.39
HB 5ID C . -9.16 -12.34 -1.93
C1 MLA D . -5.61 10.64 5.19
O1A MLA D . -6.61 11.35 5.12
O1B MLA D . -5.02 10.44 6.33
C2 MLA D . -5.05 9.82 3.96
C3 MLA D . -3.71 9.18 4.36
O3A MLA D . -2.62 9.65 4.02
O3B MLA D . -3.81 8.10 5.07
HC21 MLA D . -4.89 10.48 3.10
HC22 MLA D . -5.75 9.01 3.69
C1 SIN E . -16.99 -15.61 -9.27
O1 SIN E . -16.02 -14.85 -9.02
O2 SIN E . -17.23 -16.58 -8.52
C2 SIN E . -17.89 -15.35 -10.46
C3 SIN E . -17.07 -15.09 -11.73
C4 SIN E . -17.67 -13.89 -12.43
O3 SIN E . -16.97 -12.89 -12.71
O4 SIN E . -18.87 -13.87 -12.73
H21 SIN E . -18.52 -14.49 -10.26
H22 SIN E . -18.54 -16.21 -10.62
H31 SIN E . -17.11 -15.96 -12.38
H32 SIN E . -16.02 -14.91 -11.48
NA NA F . -13.36 -12.04 -9.10
C1 SIN G . -16.08 17.31 -17.47
O1 SIN G . -16.04 18.35 -18.17
O2 SIN G . -16.83 16.38 -17.86
C2 SIN G . -15.27 17.17 -16.19
C3 SIN G . -14.65 18.51 -15.77
C4 SIN G . -13.67 18.36 -14.61
O3 SIN G . -12.52 18.86 -14.65
O4 SIN G . -14.02 17.73 -13.57
H21 SIN G . -14.47 16.43 -16.34
H22 SIN G . -15.91 16.80 -15.38
H31 SIN G . -15.44 19.20 -15.49
H32 SIN G . -14.12 18.93 -16.63
C1 MLA H . -30.67 -0.70 -9.60
O1A MLA H . -30.81 -1.25 -10.70
O1B MLA H . -31.58 0.09 -9.14
C2 MLA H . -29.46 -0.94 -8.64
C3 MLA H . -29.11 -2.47 -8.46
O3A MLA H . -28.10 -2.95 -9.09
O3B MLA H . -29.76 -3.17 -7.67
HC21 MLA H . -28.57 -0.44 -9.06
HC22 MLA H . -29.71 -0.54 -7.65
C1 MLA I . -17.50 -5.95 -0.70
O1A MLA I . -18.35 -6.44 -1.55
O1B MLA I . -17.83 -5.36 0.33
C2 MLA I . -16.01 -6.10 -0.95
C3 MLA I . -15.36 -4.68 -1.24
O3A MLA I . -14.66 -4.47 -2.23
O3B MLA I . -15.55 -3.73 -0.34
HC21 MLA I . -15.83 -6.74 -1.83
HC22 MLA I . -15.51 -6.52 -0.07
N1 EPE J . -30.59 -9.82 -16.07
C2 EPE J . -31.00 -9.30 -17.38
C3 EPE J . -32.50 -9.47 -17.61
N4 EPE J . -32.95 -10.81 -17.31
C5 EPE J . -32.50 -11.40 -16.07
C6 EPE J . -30.99 -11.22 -15.90
C7 EPE J . -34.18 -11.30 -17.92
C8 EPE J . -34.12 -12.78 -18.27
O8 EPE J . -35.23 -13.15 -19.07
C9 EPE J . -29.12 -9.73 -16.01
C10 EPE J . -28.68 -10.15 -14.61
S EPE J . -27.33 -9.19 -13.91
O1S EPE J . -27.15 -7.91 -14.64
O2S EPE J . -26.12 -10.02 -13.97
O3S EPE J . -27.67 -8.89 -12.52
H21 EPE J . -30.45 -9.84 -18.17
H22 EPE J . -30.73 -8.24 -17.46
H31 EPE J . -32.73 -9.23 -18.65
H32 EPE J . -33.04 -8.76 -16.98
H51 EPE J . -32.74 -12.47 -16.07
H52 EPE J . -33.02 -10.95 -15.24
H61 EPE J . -30.47 -11.83 -16.63
H62 EPE J . -30.70 -11.57 -14.91
H71 EPE J . -34.36 -10.73 -18.84
H72 EPE J . -35.01 -11.12 -17.25
H81 EPE J . -34.12 -13.37 -17.36
H82 EPE J . -33.19 -13.00 -18.80
HO8 EPE J . -35.85 -12.41 -19.13
H91 EPE J . -28.67 -10.39 -16.76
H92 EPE J . -28.79 -8.72 -16.22
H101 EPE J . -29.53 -10.08 -13.95
H102 EPE J . -28.37 -11.19 -14.65
C1 MLA K . -6.87 -1.78 11.37
O1A MLA K . -6.75 -2.90 10.73
O1B MLA K . -7.55 -1.71 12.40
C2 MLA K . -6.07 -0.52 10.87
C3 MLA K . -4.57 -0.87 10.67
O3A MLA K . -3.75 0.03 10.46
O3B MLA K . -4.21 -2.12 10.79
HC21 MLA K . -6.48 -0.18 9.91
HC22 MLA K . -6.14 0.29 11.61
O1 TAR L . 11.28 11.40 19.23
O11 TAR L . 10.15 13.18 19.95
C1 TAR L . 11.00 12.62 19.22
C2 TAR L . 11.63 13.59 18.27
O2 TAR L . 10.63 14.31 17.57
C3 TAR L . 12.61 14.60 19.10
O3 TAR L . 12.41 14.52 20.49
C4 TAR L . 12.29 16.04 18.62
O4 TAR L . 12.89 16.93 19.30
O41 TAR L . 11.45 16.29 17.70
H2 TAR L . 12.32 13.09 17.54
HO2 TAR L . 9.74 14.00 17.81
H3 TAR L . 13.64 14.23 18.87
HO3 TAR L . 13.27 14.51 20.95
C1 MLA M . 6.28 4.91 16.08
O1A MLA M . 5.09 4.58 16.00
O1B MLA M . 6.88 4.97 17.22
C2 MLA M . 7.18 5.18 14.79
C3 MLA M . 6.74 4.26 13.60
O3A MLA M . 7.30 4.43 12.43
O3B MLA M . 5.94 3.34 13.77
HC21 MLA M . 7.08 6.22 14.49
HC22 MLA M . 8.23 4.96 15.03
C1 MLA N . 8.14 -4.17 1.49
O1A MLA N . 7.50 -4.78 2.35
O1B MLA N . 8.50 -2.92 1.66
C2 MLA N . 8.47 -4.96 0.15
C3 MLA N . 8.53 -4.12 -1.19
O3A MLA N . 9.40 -3.15 -1.33
O3B MLA N . 7.74 -4.43 -2.08
HC21 MLA N . 9.45 -5.44 0.27
HC22 MLA N . 7.69 -5.73 0.00
N1 EPE O . 2.71 1.34 4.29
C2 EPE O . 2.27 2.69 3.84
C3 EPE O . 2.73 3.79 4.82
N4 EPE O . 2.45 3.45 6.20
C5 EPE O . 2.80 2.11 6.63
C6 EPE O . 2.26 1.07 5.66
C7 EPE O . 2.31 4.50 7.23
C8 EPE O . 1.05 4.28 8.09
O8 EPE O . 0.13 5.35 7.95
C9 EPE O . 2.19 0.29 3.39
C10 EPE O . 3.14 -0.92 3.48
S EPE O . 2.81 -2.22 2.26
O1S EPE O . 2.49 -3.48 2.96
O2S EPE O . 4.00 -2.42 1.41
O3S EPE O . 1.67 -1.72 1.47
H21 EPE O . 1.18 2.70 3.77
H22 EPE O . 2.68 2.89 2.86
H31 EPE O . 2.22 4.73 4.56
H32 EPE O . 3.80 3.95 4.70
H51 EPE O . 2.41 1.93 7.62
H52 EPE O . 3.90 2.03 6.67
H61 EPE O . 1.16 1.08 5.69
H62 EPE O . 2.59 0.07 5.97
H71 EPE O . 2.25 5.48 6.74
H72 EPE O . 3.19 4.50 7.87
H81 EPE O . 1.34 4.18 9.13
H82 EPE O . 0.57 3.35 7.78
HO8 EPE O . 0.54 6.18 8.26
H91 EPE O . 1.19 -0.01 3.69
H92 EPE O . 2.14 0.65 2.37
H101 EPE O . 4.17 -0.57 3.33
H102 EPE O . 3.07 -1.36 4.48
C01 6GI P . 8.31 -10.37 14.55
C02 6GI P . 7.54 -10.14 15.69
C03 6GI P . 6.29 -10.72 15.87
C04 6GI P . 5.75 -11.56 14.89
C05 6GI P . 6.53 -11.83 13.66
C08 6GI P . 7.36 -12.48 11.65
C09 6GI P . 8.33 -11.62 12.29
C10 6GI P . 7.48 -13.25 10.16
C12 6GI P . 5.02 -12.69 9.35
C13 6GI P . 4.88 -11.42 8.73
C14 6GI P . 3.67 -10.65 8.84
C15 6GI P . 2.54 -11.12 9.50
C16 6GI P . 2.72 -12.39 10.16
C17 6GI P . 3.92 -13.17 10.07
C18 6GI P . 1.20 -10.30 9.76
C20 6GI P . -0.59 -8.40 9.49
C22 6GI P . -1.50 -10.73 9.31
C25 6GI P . 1.56 -7.46 9.79
C26 6GI P . 0.60 -6.43 9.69
C28 6GI P . 2.95 -7.06 9.97
C29 6GI P . 3.30 -5.64 10.06
C30 6GI P . 2.33 -4.69 9.95
C31 6GI P . 0.97 -5.03 9.77
C33 6GI P . 5.14 -4.01 10.63
C34 6GI P . 4.71 -2.77 9.94
C35 6GI P . 3.66 -2.87 9.15
N06 6GI P . 7.73 -11.23 13.56
N07 6GI P . 6.22 -12.60 12.55
N19 6GI P . 0.84 -8.76 9.61
N21 6GI P . -1.69 -9.37 9.33
N23 6GI P . -0.18 -11.28 9.49
N24 6GI P . -2.64 -11.62 9.15
N27 6GI P . -0.71 -7.02 9.51
O11 6GI P . 6.26 -13.45 9.23
O32 6GI P . 4.69 -5.24 10.21
O36 6GI P . 2.68 -3.36 10.01
H1 6GI P . 9.25 -9.95 14.39
H2 6GI P . 7.97 -9.49 16.45
H3 6GI P . 5.72 -10.52 16.78
H4 6GI P . 4.80 -12.00 15.00
H5 6GI P . 9.27 -11.33 11.93
H6 6GI P . 7.89 -14.27 10.31
H7 6GI P . 8.23 -12.74 9.54
H8 6GI P . 5.72 -10.99 8.14
H9 6GI P . 3.65 -9.64 8.39
H10 6GI P . 1.89 -12.78 10.76
H11 6GI P . 3.96 -14.14 10.55
H12 6GI P . 1.48 -10.09 10.85
H14 6GI P . 3.68 -7.83 10.04
H15 6GI P . 0.23 -4.24 9.68
H16 6GI P . 4.88 -3.93 11.73
H17 6GI P . 6.27 -4.06 10.63
H18 6GI P . 4.56 -1.98 10.72
H19 6GI P . 5.60 -2.36 9.41
H20 6GI P . 3.84 -3.58 8.27
H21 6GI P . 3.37 -1.89 8.68
H22 6GI P . 0.00 -12.27 9.45
H24 6GI P . -3.60 -11.37 9.04
H25 6GI P . -2.60 -12.65 9.13
#